data_8TGK
#
_entry.id   8TGK
#
_cell.length_a   1.00
_cell.length_b   1.00
_cell.length_c   1.00
_cell.angle_alpha   90.00
_cell.angle_beta   90.00
_cell.angle_gamma   90.00
#
_symmetry.space_group_name_H-M   'P 1'
#
loop_
_entity.id
_entity.type
_entity.pdbx_description
1 polymer 'Chromaffin granule amine transporter'
2 non-polymer HISTAMINE
3 non-polymer reserpine
#
_entity_poly.entity_id   1
_entity_poly.type   'polypeptide(L)'
_entity_poly.pdbx_seq_one_letter_code
;MLRTILDAPQRLLKEGRASRQLVLVVVFVALLLDNMLFTVVVPIVPTFLYDMEFKEVNSSLHLGHAGSNCLQGTGFLEEE
ITRVGVLFASKAVMQLLVNPFVGPLTNRIGYHIPMFAGFVIMFLSTVMFAFSGTYTLLFVARTLQGIGSSFSSVAGLGML
ASVYTDDHERGRAMGTALGGLALGLLVGAPFGSVMYEFVGKSAPFLILAFLALLDGALQLCILQPSKVSPESAKGTPLFM
LLKDPYILVAAGSICFANMGVAILEPTLPIWMMQTMCSPKWQLGLAFLPASVSYLIGTNLFGVLANKMGRWLCSLIGMLV
VGTSLLCVPLAHNIFGLIGPNAGLGLAIGMVDSSMMPIMGHLVDLRHTSVYGSVYAIADVAFCMGFAIGPSTGGAIVKAI
GFPWLMVITGVINIVYAPLCYYLRSPPAKEEKLAILSQDCPMETRMYATQKPTKEFPLGEDSDEEPDHEE
;
_entity_poly.pdbx_strand_id   A,B
#
loop_
_chem_comp.id
_chem_comp.type
_chem_comp.name
_chem_comp.formula
HSM non-polymer HISTAMINE 'C5 H9 N3'
YHR non-polymer reserpine 'C33 H40 N2 O9'
#
# COMPACT_ATOMS: atom_id res chain seq x y z
N SER A 19 40.56 -6.00 2.32
CA SER A 19 40.64 -5.05 1.22
C SER A 19 39.24 -4.71 0.71
N ARG A 20 38.27 -5.59 1.01
CA ARG A 20 36.91 -5.38 0.56
C ARG A 20 36.24 -4.19 1.22
N GLN A 21 36.72 -3.75 2.38
CA GLN A 21 36.20 -2.53 3.00
C GLN A 21 36.67 -1.28 2.31
N LEU A 22 37.88 -1.26 1.75
CA LEU A 22 38.37 -0.11 1.01
C LEU A 22 37.72 0.05 -0.35
N VAL A 23 37.17 -1.03 -0.92
CA VAL A 23 36.45 -0.91 -2.18
C VAL A 23 35.17 -0.10 -2.02
N LEU A 24 34.50 -0.22 -0.88
CA LEU A 24 33.33 0.59 -0.59
C LEU A 24 33.66 2.05 -0.36
N VAL A 25 34.85 2.35 0.18
CA VAL A 25 35.28 3.74 0.33
C VAL A 25 35.46 4.43 -1.01
N VAL A 26 35.97 3.70 -2.02
CA VAL A 26 36.17 4.28 -3.34
C VAL A 26 34.84 4.65 -3.98
N VAL A 27 33.85 3.75 -3.89
CA VAL A 27 32.54 4.02 -4.46
C VAL A 27 31.85 5.14 -3.68
N PHE A 28 32.08 5.21 -2.37
CA PHE A 28 31.52 6.28 -1.55
C PHE A 28 32.05 7.63 -1.99
N VAL A 29 33.37 7.72 -2.23
CA VAL A 29 33.96 8.98 -2.67
C VAL A 29 33.55 9.28 -4.11
N ALA A 30 33.48 8.26 -4.96
CA ALA A 30 33.16 8.46 -6.37
C ALA A 30 31.74 8.98 -6.55
N LEU A 31 30.78 8.39 -5.82
CA LEU A 31 29.40 8.85 -5.92
C LEU A 31 29.20 10.17 -5.18
N LEU A 32 30.05 10.47 -4.20
CA LEU A 32 29.91 11.72 -3.46
C LEU A 32 30.24 12.92 -4.33
N LEU A 33 31.37 12.86 -5.04
CA LEU A 33 31.80 14.01 -5.84
C LEU A 33 31.04 14.10 -7.15
N ASP A 34 30.65 12.96 -7.73
CA ASP A 34 29.96 12.98 -9.01
C ASP A 34 28.59 13.62 -8.89
N ASN A 35 27.84 13.28 -7.84
CA ASN A 35 26.55 13.92 -7.62
C ASN A 35 26.69 15.28 -6.95
N MET A 36 27.87 15.59 -6.41
CA MET A 36 28.12 16.93 -5.92
C MET A 36 28.07 17.94 -7.05
N LEU A 37 28.68 17.62 -8.18
CA LEU A 37 28.69 18.54 -9.32
C LEU A 37 27.34 18.60 -10.01
N PHE A 38 26.51 17.58 -9.80
CA PHE A 38 25.17 17.58 -10.42
C PHE A 38 24.27 18.62 -9.78
N THR A 39 24.21 18.66 -8.45
CA THR A 39 23.29 19.55 -7.77
C THR A 39 23.92 20.86 -7.32
N VAL A 40 25.24 21.00 -7.42
CA VAL A 40 25.87 22.28 -7.10
C VAL A 40 25.51 23.32 -8.15
N VAL A 41 25.23 22.86 -9.38
CA VAL A 41 25.16 23.77 -10.53
C VAL A 41 23.83 24.50 -10.63
N VAL A 42 22.75 23.94 -10.10
CA VAL A 42 21.44 24.57 -10.28
C VAL A 42 21.27 25.89 -9.51
N PRO A 43 21.96 26.17 -8.39
CA PRO A 43 21.98 27.56 -7.90
C PRO A 43 22.61 28.57 -8.85
N ILE A 44 23.60 28.17 -9.65
CA ILE A 44 24.54 29.14 -10.23
C ILE A 44 24.29 29.38 -11.71
N VAL A 45 23.72 28.40 -12.40
CA VAL A 45 23.44 28.53 -13.84
C VAL A 45 22.46 29.66 -14.16
N PRO A 46 21.21 29.66 -13.66
CA PRO A 46 20.25 30.64 -14.17
C PRO A 46 20.51 32.06 -13.69
N THR A 47 21.37 32.24 -12.68
CA THR A 47 21.76 33.56 -12.27
C THR A 47 22.92 34.11 -13.11
N PHE A 48 23.77 33.23 -13.64
CA PHE A 48 24.89 33.70 -14.45
C PHE A 48 24.38 34.11 -15.83
N LEU A 49 23.48 33.31 -16.42
CA LEU A 49 23.08 33.55 -17.80
C LEU A 49 22.23 34.82 -17.92
N TYR A 50 21.59 35.23 -16.83
CA TYR A 50 20.82 36.47 -16.84
C TYR A 50 21.74 37.68 -16.92
N ASP A 51 22.96 37.57 -16.39
CA ASP A 51 23.90 38.70 -16.30
C ASP A 51 23.31 39.83 -15.47
N GLU A 80 12.44 31.60 -22.70
CA GLU A 80 13.79 31.59 -22.16
C GLU A 80 13.95 30.53 -21.06
N ILE A 81 12.86 30.20 -20.36
CA ILE A 81 12.91 29.17 -19.34
C ILE A 81 13.20 27.81 -19.96
N THR A 82 12.70 27.59 -21.19
CA THR A 82 12.90 26.31 -21.85
C THR A 82 14.38 26.07 -22.18
N ARG A 83 15.09 27.12 -22.64
CA ARG A 83 16.49 26.94 -22.97
C ARG A 83 17.35 26.68 -21.75
N VAL A 84 17.00 27.30 -20.62
CA VAL A 84 17.71 27.01 -19.37
C VAL A 84 17.43 25.58 -18.92
N GLY A 85 16.20 25.12 -19.11
CA GLY A 85 15.85 23.77 -18.69
C GLY A 85 16.55 22.70 -19.51
N VAL A 86 16.75 22.95 -20.80
CA VAL A 86 17.36 21.95 -21.67
C VAL A 86 18.81 21.71 -21.29
N LEU A 87 19.48 22.73 -20.73
CA LEU A 87 20.83 22.55 -20.22
C LEU A 87 20.84 21.58 -19.05
N PHE A 88 19.81 21.61 -18.21
CA PHE A 88 19.78 20.73 -17.05
C PHE A 88 19.52 19.29 -17.45
N ALA A 89 18.84 19.08 -18.57
CA ALA A 89 18.59 17.71 -19.03
C ALA A 89 19.69 17.17 -19.91
N SER A 90 20.75 17.96 -20.14
CA SER A 90 21.84 17.52 -21.01
C SER A 90 22.59 16.33 -20.42
N LYS A 91 22.77 16.33 -19.10
CA LYS A 91 23.52 15.25 -18.45
C LYS A 91 22.77 13.93 -18.56
N ALA A 92 21.44 13.98 -18.48
CA ALA A 92 20.66 12.76 -18.47
C ALA A 92 20.41 12.22 -19.88
N VAL A 93 20.34 13.11 -20.87
CA VAL A 93 20.01 12.67 -22.22
C VAL A 93 21.15 11.87 -22.83
N MET A 94 22.39 12.31 -22.61
CA MET A 94 23.53 11.63 -23.21
C MET A 94 24.02 10.47 -22.36
N GLN A 95 23.82 10.52 -21.03
CA GLN A 95 24.23 9.42 -20.19
C GLN A 95 23.41 8.16 -20.45
N LEU A 96 22.16 8.33 -20.91
CA LEU A 96 21.34 7.17 -21.24
C LEU A 96 21.91 6.40 -22.41
N LEU A 97 22.38 7.11 -23.44
CA LEU A 97 22.90 6.46 -24.64
C LEU A 97 24.22 5.76 -24.37
N VAL A 98 25.05 6.36 -23.50
CA VAL A 98 26.37 5.80 -23.23
C VAL A 98 26.26 4.50 -22.43
N ASN A 99 25.18 4.35 -21.66
CA ASN A 99 25.03 3.21 -20.75
C ASN A 99 25.03 1.85 -21.44
N PRO A 100 24.27 1.63 -22.52
CA PRO A 100 24.33 0.31 -23.19
C PRO A 100 25.71 -0.03 -23.75
N PHE A 101 26.51 0.97 -24.11
CA PHE A 101 27.87 0.71 -24.57
C PHE A 101 28.87 0.59 -23.42
N VAL A 102 28.48 0.96 -22.21
CA VAL A 102 29.37 0.88 -21.06
C VAL A 102 29.17 -0.42 -20.27
N GLY A 103 27.96 -0.97 -20.24
CA GLY A 103 27.65 -2.16 -19.50
C GLY A 103 28.47 -3.39 -19.91
N PRO A 104 28.30 -3.85 -21.15
CA PRO A 104 29.08 -5.03 -21.58
C PRO A 104 30.57 -4.76 -21.71
N LEU A 105 30.99 -3.49 -21.77
CA LEU A 105 32.42 -3.19 -21.85
C LEU A 105 33.15 -3.58 -20.57
N THR A 106 32.43 -3.60 -19.44
CA THR A 106 33.05 -3.98 -18.18
C THR A 106 33.42 -5.46 -18.16
N ASN A 107 32.76 -6.27 -18.99
CA ASN A 107 33.07 -7.70 -19.04
C ASN A 107 34.46 -7.94 -19.60
N ARG A 108 34.93 -7.05 -20.48
CA ARG A 108 36.16 -7.33 -21.22
C ARG A 108 37.40 -6.70 -20.61
N ILE A 109 37.28 -5.60 -19.88
CA ILE A 109 38.44 -4.87 -19.38
C ILE A 109 38.43 -4.67 -17.88
N GLY A 110 37.41 -5.15 -17.16
CA GLY A 110 37.35 -4.96 -15.73
C GLY A 110 36.71 -3.65 -15.33
N TYR A 111 36.71 -3.40 -14.02
CA TYR A 111 36.02 -2.24 -13.45
C TYR A 111 36.95 -1.08 -13.10
N HIS A 112 38.26 -1.32 -12.98
CA HIS A 112 39.17 -0.25 -12.59
C HIS A 112 39.28 0.82 -13.67
N ILE A 113 39.42 0.39 -14.93
CA ILE A 113 39.61 1.35 -16.03
C ILE A 113 38.40 2.25 -16.23
N PRO A 114 37.16 1.76 -16.28
CA PRO A 114 36.01 2.68 -16.37
C PRO A 114 35.91 3.64 -15.20
N MET A 115 36.30 3.22 -14.00
CA MET A 115 36.23 4.13 -12.85
C MET A 115 37.28 5.23 -12.98
N PHE A 116 38.49 4.89 -13.41
CA PHE A 116 39.51 5.91 -13.64
C PHE A 116 39.10 6.85 -14.77
N ALA A 117 38.46 6.32 -15.81
CA ALA A 117 37.97 7.16 -16.90
C ALA A 117 36.90 8.12 -16.41
N GLY A 118 36.00 7.64 -15.53
CA GLY A 118 35.00 8.52 -14.95
C GLY A 118 35.61 9.61 -14.10
N PHE A 119 36.66 9.26 -13.34
CA PHE A 119 37.41 10.26 -12.57
C PHE A 119 37.99 11.34 -13.49
N VAL A 120 38.67 10.93 -14.55
CA VAL A 120 39.32 11.88 -15.46
C VAL A 120 38.27 12.76 -16.14
N ILE A 121 37.15 12.16 -16.55
CA ILE A 121 36.11 12.89 -17.25
C ILE A 121 35.44 13.89 -16.31
N MET A 122 35.21 13.50 -15.04
CA MET A 122 34.59 14.41 -14.10
C MET A 122 35.51 15.58 -13.78
N PHE A 123 36.82 15.31 -13.65
CA PHE A 123 37.78 16.40 -13.44
C PHE A 123 37.79 17.36 -14.62
N LEU A 124 37.77 16.82 -15.85
CA LEU A 124 37.73 17.68 -17.03
C LEU A 124 36.45 18.50 -17.06
N SER A 125 35.33 17.89 -16.67
CA SER A 125 34.05 18.60 -16.66
C SER A 125 34.05 19.74 -15.64
N THR A 126 34.60 19.52 -14.45
CA THR A 126 34.57 20.57 -13.45
C THR A 126 35.52 21.71 -13.81
N VAL A 127 36.69 21.39 -14.38
CA VAL A 127 37.58 22.48 -14.82
C VAL A 127 36.97 23.23 -15.99
N MET A 128 36.23 22.55 -16.87
CA MET A 128 35.58 23.25 -17.97
C MET A 128 34.44 24.13 -17.45
N PHE A 129 33.75 23.67 -16.39
CA PHE A 129 32.73 24.51 -15.76
C PHE A 129 33.35 25.76 -15.14
N ALA A 130 34.51 25.62 -14.51
CA ALA A 130 35.06 26.72 -13.71
C ALA A 130 35.52 27.89 -14.57
N PHE A 131 35.80 27.65 -15.85
CA PHE A 131 36.39 28.68 -16.70
C PHE A 131 35.44 29.21 -17.77
N SER A 132 34.64 28.35 -18.38
CA SER A 132 33.79 28.76 -19.50
C SER A 132 32.67 29.68 -19.01
N GLY A 133 32.29 30.64 -19.87
CA GLY A 133 31.29 31.62 -19.50
C GLY A 133 30.26 31.92 -20.57
N THR A 134 29.88 30.93 -21.36
CA THR A 134 28.90 31.12 -22.43
C THR A 134 27.94 29.94 -22.45
N TYR A 135 26.84 30.10 -23.20
CA TYR A 135 25.83 29.05 -23.30
C TYR A 135 26.40 27.81 -23.98
N THR A 136 27.14 27.99 -25.08
CA THR A 136 27.65 26.84 -25.81
C THR A 136 28.74 26.09 -25.05
N LEU A 137 29.46 26.77 -24.16
CA LEU A 137 30.51 26.15 -23.37
C LEU A 137 29.99 25.58 -22.05
N LEU A 138 28.72 25.80 -21.72
CA LEU A 138 28.10 25.20 -20.55
C LEU A 138 27.20 24.03 -20.92
N PHE A 139 27.34 23.51 -22.13
CA PHE A 139 26.59 22.35 -22.62
C PHE A 139 27.46 21.12 -22.75
N VAL A 140 28.63 21.26 -23.38
CA VAL A 140 29.56 20.15 -23.52
C VAL A 140 30.08 19.71 -22.16
N ALA A 141 30.27 20.67 -21.24
CA ALA A 141 30.71 20.31 -19.89
C ALA A 141 29.65 19.49 -19.16
N ARG A 142 28.38 19.85 -19.30
CA ARG A 142 27.31 19.06 -18.70
C ARG A 142 27.23 17.67 -19.31
N THR A 143 27.42 17.57 -20.64
CA THR A 143 27.41 16.27 -21.29
C THR A 143 28.57 15.40 -20.80
N LEU A 144 29.74 16.01 -20.62
CA LEU A 144 30.89 15.28 -20.09
C LEU A 144 30.63 14.82 -18.66
N GLN A 145 29.98 15.66 -17.86
CA GLN A 145 29.59 15.26 -16.51
C GLN A 145 28.65 14.06 -16.55
N GLY A 146 27.73 14.05 -17.52
CA GLY A 146 26.83 12.92 -17.66
C GLY A 146 27.53 11.63 -17.99
N ILE A 147 28.47 11.68 -18.96
CA ILE A 147 29.16 10.46 -19.35
C ILE A 147 30.06 9.96 -18.21
N GLY A 148 30.70 10.89 -17.49
CA GLY A 148 31.50 10.49 -16.35
C GLY A 148 30.68 9.87 -15.24
N SER A 149 29.50 10.43 -14.98
CA SER A 149 28.60 9.87 -13.98
C SER A 149 28.15 8.47 -14.37
N SER A 150 27.85 8.27 -15.66
CA SER A 150 27.43 6.94 -16.13
C SER A 150 28.54 5.92 -15.92
N PHE A 151 29.76 6.26 -16.33
CA PHE A 151 30.91 5.36 -16.18
C PHE A 151 31.14 5.02 -14.71
N SER A 152 31.17 6.04 -13.85
CA SER A 152 31.48 5.83 -12.44
C SER A 152 30.38 5.01 -11.76
N SER A 153 29.13 5.31 -12.05
CA SER A 153 28.02 4.60 -11.40
C SER A 153 28.00 3.13 -11.79
N VAL A 154 28.11 2.84 -13.09
CA VAL A 154 28.04 1.45 -13.55
C VAL A 154 29.25 0.66 -13.04
N ALA A 155 30.45 1.24 -13.16
CA ALA A 155 31.64 0.54 -12.71
C ALA A 155 31.65 0.31 -11.20
N GLY A 156 31.23 1.33 -10.43
CA GLY A 156 31.21 1.17 -8.98
C GLY A 156 30.20 0.14 -8.52
N LEU A 157 29.01 0.15 -9.12
CA LEU A 157 27.99 -0.84 -8.73
C LEU A 157 28.43 -2.25 -9.11
N GLY A 158 29.05 -2.41 -10.28
CA GLY A 158 29.55 -3.72 -10.66
C GLY A 158 30.67 -4.20 -9.74
N MET A 159 31.57 -3.30 -9.36
CA MET A 159 32.66 -3.67 -8.46
C MET A 159 32.13 -4.06 -7.08
N LEU A 160 31.16 -3.30 -6.57
CA LEU A 160 30.58 -3.63 -5.27
C LEU A 160 29.84 -4.96 -5.31
N ALA A 161 29.14 -5.23 -6.42
CA ALA A 161 28.45 -6.52 -6.55
C ALA A 161 29.44 -7.67 -6.63
N SER A 162 30.55 -7.48 -7.35
CA SER A 162 31.52 -8.57 -7.49
C SER A 162 32.27 -8.83 -6.19
N VAL A 163 32.63 -7.77 -5.47
CA VAL A 163 33.38 -7.95 -4.23
C VAL A 163 32.51 -8.58 -3.16
N TYR A 164 31.27 -8.12 -3.01
CA TYR A 164 30.36 -8.60 -1.98
C TYR A 164 29.45 -9.66 -2.60
N THR A 165 29.60 -10.90 -2.15
CA THR A 165 28.86 -12.01 -2.73
C THR A 165 27.59 -12.37 -1.97
N ASP A 166 27.63 -12.39 -0.64
CA ASP A 166 26.47 -12.76 0.17
C ASP A 166 25.36 -11.73 -0.01
N ASP A 167 24.13 -12.23 -0.17
CA ASP A 167 23.00 -11.35 -0.42
C ASP A 167 22.72 -10.46 0.80
N HIS A 168 22.75 -11.05 2.00
CA HIS A 168 22.54 -10.27 3.21
C HIS A 168 23.64 -9.24 3.41
N GLU A 169 24.88 -9.63 3.17
CA GLU A 169 26.01 -8.71 3.30
C GLU A 169 26.09 -7.71 2.17
N ARG A 170 25.62 -8.07 0.97
CA ARG A 170 25.50 -7.13 -0.14
C ARG A 170 24.35 -6.16 0.04
N GLY A 171 23.41 -6.45 0.94
CA GLY A 171 22.31 -5.54 1.18
C GLY A 171 22.65 -4.30 1.98
N ARG A 172 23.87 -4.21 2.51
CA ARG A 172 24.29 -3.04 3.28
C ARG A 172 25.29 -2.16 2.56
N ALA A 173 26.19 -2.74 1.77
CA ALA A 173 27.19 -1.94 1.05
C ALA A 173 26.53 -1.03 0.02
N MET A 174 25.58 -1.57 -0.74
CA MET A 174 24.86 -0.75 -1.71
C MET A 174 23.99 0.29 -1.02
N GLY A 175 23.44 -0.04 0.15
CA GLY A 175 22.71 0.94 0.93
C GLY A 175 23.57 2.10 1.38
N THR A 176 24.78 1.80 1.85
CA THR A 176 25.67 2.89 2.28
C THR A 176 26.19 3.69 1.08
N ALA A 177 26.35 3.04 -0.07
CA ALA A 177 26.73 3.78 -1.27
C ALA A 177 25.62 4.75 -1.69
N LEU A 178 24.37 4.28 -1.64
CA LEU A 178 23.26 5.18 -1.93
C LEU A 178 23.12 6.26 -0.87
N GLY A 179 23.52 5.97 0.37
CA GLY A 179 23.59 7.01 1.38
C GLY A 179 24.61 8.07 1.05
N GLY A 180 25.76 7.66 0.51
CA GLY A 180 26.75 8.63 0.07
C GLY A 180 26.24 9.48 -1.09
N LEU A 181 25.50 8.85 -2.00
CA LEU A 181 24.84 9.59 -3.07
C LEU A 181 23.85 10.61 -2.51
N ALA A 182 23.08 10.21 -1.50
CA ALA A 182 22.14 11.11 -0.86
C ALA A 182 22.85 12.27 -0.19
N LEU A 183 23.98 12.00 0.47
CA LEU A 183 24.74 13.06 1.12
C LEU A 183 25.29 14.05 0.10
N GLY A 184 25.77 13.55 -1.03
CA GLY A 184 26.24 14.44 -2.09
C GLY A 184 25.12 15.31 -2.63
N LEU A 185 23.96 14.70 -2.91
CA LEU A 185 22.82 15.46 -3.40
C LEU A 185 22.35 16.48 -2.38
N LEU A 186 22.45 16.15 -1.10
CA LEU A 186 22.04 17.07 -0.05
C LEU A 186 22.98 18.26 0.06
N VAL A 187 24.29 18.02 0.06
CA VAL A 187 25.25 19.07 0.38
C VAL A 187 25.78 19.82 -0.84
N GLY A 188 25.44 19.39 -2.06
CA GLY A 188 25.92 20.10 -3.23
C GLY A 188 25.40 21.52 -3.41
N ALA A 189 24.09 21.70 -3.33
CA ALA A 189 23.48 22.99 -3.68
C ALA A 189 23.88 24.13 -2.75
N PRO A 190 23.78 24.02 -1.42
CA PRO A 190 24.20 25.14 -0.56
C PRO A 190 25.67 25.49 -0.69
N PHE A 191 26.51 24.50 -1.00
CA PHE A 191 27.93 24.74 -1.23
C PHE A 191 28.10 25.69 -2.41
N GLY A 192 27.46 25.37 -3.53
CA GLY A 192 27.57 26.23 -4.71
C GLY A 192 26.99 27.61 -4.48
N SER A 193 25.86 27.68 -3.77
CA SER A 193 25.23 28.96 -3.49
C SER A 193 26.13 29.85 -2.63
N VAL A 194 26.70 29.30 -1.56
CA VAL A 194 27.51 30.11 -0.65
C VAL A 194 28.83 30.51 -1.31
N MET A 195 29.46 29.60 -2.05
CA MET A 195 30.70 29.96 -2.74
C MET A 195 30.45 31.00 -3.84
N TYR A 196 29.36 30.89 -4.58
CA TYR A 196 29.06 31.91 -5.58
C TYR A 196 28.76 33.26 -4.94
N GLU A 197 28.03 33.25 -3.82
CA GLU A 197 27.70 34.49 -3.15
C GLU A 197 28.95 35.17 -2.58
N PHE A 198 29.88 34.38 -2.03
CA PHE A 198 30.95 34.94 -1.21
C PHE A 198 32.30 34.99 -1.90
N VAL A 199 32.69 33.95 -2.64
CA VAL A 199 34.07 33.86 -3.13
C VAL A 199 34.09 33.72 -4.64
N GLY A 200 33.10 34.27 -5.32
CA GLY A 200 33.06 34.22 -6.77
C GLY A 200 32.57 32.89 -7.29
N LYS A 201 32.65 32.73 -8.61
CA LYS A 201 32.12 31.54 -9.25
C LYS A 201 33.14 30.42 -9.38
N SER A 202 34.40 30.75 -9.66
CA SER A 202 35.42 29.73 -9.88
C SER A 202 35.79 28.94 -8.64
N ALA A 203 35.51 29.47 -7.45
CA ALA A 203 35.85 28.83 -6.19
C ALA A 203 35.15 27.48 -5.97
N PRO A 204 33.82 27.37 -6.08
CA PRO A 204 33.16 26.08 -5.83
C PRO A 204 33.56 24.99 -6.81
N PHE A 205 33.88 25.32 -8.05
CA PHE A 205 34.38 24.34 -9.00
C PHE A 205 35.86 24.02 -8.81
N LEU A 206 36.66 24.99 -8.39
CA LEU A 206 38.07 24.72 -8.10
C LEU A 206 38.21 23.81 -6.90
N ILE A 207 37.37 24.01 -5.87
CA ILE A 207 37.38 23.12 -4.71
C ILE A 207 36.98 21.71 -5.11
N LEU A 208 35.99 21.60 -5.99
CA LEU A 208 35.58 20.30 -6.50
C LEU A 208 36.70 19.63 -7.29
N ALA A 209 37.45 20.43 -8.06
CA ALA A 209 38.58 19.89 -8.80
C ALA A 209 39.68 19.37 -7.87
N PHE A 210 39.95 20.11 -6.79
CA PHE A 210 40.95 19.65 -5.82
C PHE A 210 40.50 18.37 -5.13
N LEU A 211 39.22 18.30 -4.76
CA LEU A 211 38.68 17.06 -4.19
C LEU A 211 38.73 15.92 -5.20
N ALA A 212 38.54 16.23 -6.48
CA ALA A 212 38.65 15.21 -7.52
C ALA A 212 40.07 14.69 -7.62
N LEU A 213 41.06 15.58 -7.52
CA LEU A 213 42.46 15.15 -7.55
C LEU A 213 42.78 14.27 -6.35
N LEU A 214 42.23 14.62 -5.17
CA LEU A 214 42.40 13.77 -3.99
C LEU A 214 41.78 12.40 -4.22
N ASP A 215 40.59 12.36 -4.83
CA ASP A 215 39.93 11.09 -5.11
C ASP A 215 40.73 10.26 -6.13
N GLY A 216 41.32 10.92 -7.12
CA GLY A 216 42.13 10.21 -8.09
C GLY A 216 43.39 9.62 -7.48
N ALA A 217 44.03 10.39 -6.58
CA ALA A 217 45.18 9.85 -5.86
C ALA A 217 44.78 8.66 -5.00
N LEU A 218 43.62 8.75 -4.34
CA LEU A 218 43.12 7.63 -3.54
C LEU A 218 42.87 6.40 -4.42
N GLN A 219 42.27 6.62 -5.58
CA GLN A 219 41.98 5.51 -6.49
C GLN A 219 43.25 4.86 -7.00
N LEU A 220 44.25 5.66 -7.36
CA LEU A 220 45.54 5.09 -7.77
C LEU A 220 46.20 4.35 -6.61
N CYS A 221 45.97 4.80 -5.38
CA CYS A 221 46.53 4.11 -4.22
C CYS A 221 45.88 2.76 -3.93
N ILE A 222 44.56 2.64 -4.06
CA ILE A 222 43.83 1.46 -3.59
C ILE A 222 43.54 0.49 -4.73
N LEU A 223 43.02 0.98 -5.87
CA LEU A 223 42.51 0.09 -6.89
C LEU A 223 43.55 -0.32 -7.92
N GLN A 224 44.55 0.51 -8.17
CA GLN A 224 45.60 0.26 -9.17
C GLN A 224 45.00 0.11 -10.56
N PRO A 225 44.42 1.17 -11.12
CA PRO A 225 43.85 1.07 -12.49
C PRO A 225 44.93 1.21 -13.56
N SER A 226 45.76 0.17 -13.68
CA SER A 226 46.88 0.20 -14.61
C SER A 226 46.95 -1.01 -15.54
N LYS A 227 46.10 -2.01 -15.36
CA LYS A 227 46.11 -3.19 -16.21
C LYS A 227 44.69 -3.59 -16.55
N VAL A 228 44.55 -4.31 -17.66
CA VAL A 228 43.26 -4.76 -18.16
C VAL A 228 43.10 -6.23 -17.78
N SER A 229 42.12 -6.51 -16.93
CA SER A 229 41.85 -7.87 -16.47
C SER A 229 40.51 -8.33 -17.01
N PRO A 230 40.48 -9.37 -17.86
CA PRO A 230 39.19 -9.84 -18.40
C PRO A 230 38.51 -10.78 -17.43
N GLU A 231 37.22 -10.55 -17.22
CA GLU A 231 36.42 -11.43 -16.37
C GLU A 231 36.34 -12.82 -17.02
N SER A 232 36.56 -13.85 -16.21
CA SER A 232 36.58 -15.22 -16.73
C SER A 232 35.21 -15.64 -17.25
N ALA A 233 34.16 -15.32 -16.51
CA ALA A 233 32.82 -15.70 -16.93
C ALA A 233 32.32 -14.76 -18.03
N LYS A 234 31.87 -15.34 -19.13
CA LYS A 234 31.27 -14.59 -20.23
C LYS A 234 29.81 -14.33 -19.88
N GLY A 235 29.50 -13.10 -19.51
CA GLY A 235 28.17 -12.78 -19.05
C GLY A 235 27.13 -12.89 -20.15
N THR A 236 25.88 -13.01 -19.73
CA THR A 236 24.78 -13.12 -20.67
C THR A 236 24.65 -11.83 -21.48
N PRO A 237 24.29 -11.93 -22.76
CA PRO A 237 24.10 -10.72 -23.57
C PRO A 237 22.94 -9.89 -23.05
N LEU A 238 23.04 -8.57 -23.27
CA LEU A 238 22.10 -7.62 -22.68
C LEU A 238 20.68 -7.80 -23.18
N PHE A 239 20.50 -8.14 -24.43
CA PHE A 239 19.12 -8.20 -24.95
C PHE A 239 18.43 -9.45 -24.41
N MET A 240 19.18 -10.49 -24.09
CA MET A 240 18.57 -11.67 -23.47
C MET A 240 18.03 -11.33 -22.09
N LEU A 241 18.72 -10.47 -21.35
CA LEU A 241 18.27 -10.09 -20.02
C LEU A 241 16.96 -9.32 -20.05
N LEU A 242 16.67 -8.60 -21.12
CA LEU A 242 15.44 -7.84 -21.22
C LEU A 242 14.22 -8.73 -21.45
N LYS A 243 14.41 -10.00 -21.78
CA LYS A 243 13.32 -10.95 -21.88
C LYS A 243 12.97 -11.56 -20.54
N ASP A 244 13.75 -11.26 -19.50
CA ASP A 244 13.50 -11.75 -18.15
C ASP A 244 12.41 -10.91 -17.51
N PRO A 245 11.28 -11.49 -17.13
CA PRO A 245 10.21 -10.70 -16.51
C PRO A 245 10.60 -10.05 -15.19
N TYR A 246 11.39 -10.74 -14.36
CA TYR A 246 11.70 -10.21 -13.03
C TYR A 246 12.63 -9.00 -13.11
N ILE A 247 13.62 -9.07 -14.00
CA ILE A 247 14.53 -7.94 -14.21
C ILE A 247 13.75 -6.73 -14.73
N LEU A 248 12.81 -6.99 -15.66
CA LEU A 248 11.97 -5.91 -16.18
C LEU A 248 11.11 -5.29 -15.09
N VAL A 249 10.58 -6.13 -14.19
CA VAL A 249 9.74 -5.60 -13.11
C VAL A 249 10.55 -4.74 -12.15
N ALA A 250 11.76 -5.20 -11.81
CA ALA A 250 12.62 -4.40 -10.93
C ALA A 250 13.02 -3.09 -11.57
N ALA A 251 13.40 -3.13 -12.85
CA ALA A 251 13.76 -1.92 -13.57
C ALA A 251 12.58 -0.97 -13.66
N GLY A 252 11.38 -1.50 -13.89
CA GLY A 252 10.19 -0.67 -13.95
C GLY A 252 9.88 -0.01 -12.63
N SER A 253 10.04 -0.74 -11.53
CA SER A 253 9.81 -0.17 -10.20
C SER A 253 10.76 0.99 -9.92
N ILE A 254 12.06 0.77 -10.19
CA ILE A 254 13.05 1.82 -9.97
C ILE A 254 12.77 3.02 -10.86
N CYS A 255 12.46 2.77 -12.14
CA CYS A 255 12.22 3.85 -13.09
C CYS A 255 10.98 4.65 -12.73
N PHE A 256 9.91 3.98 -12.32
CA PHE A 256 8.69 4.70 -11.99
C PHE A 256 8.86 5.53 -10.72
N ALA A 257 9.52 4.98 -9.69
CA ALA A 257 9.74 5.74 -8.46
C ALA A 257 10.63 6.95 -8.72
N ASN A 258 11.73 6.77 -9.46
CA ASN A 258 12.61 7.90 -9.70
C ASN A 258 11.99 8.92 -10.65
N MET A 259 11.16 8.48 -11.60
CA MET A 259 10.44 9.42 -12.45
C MET A 259 9.47 10.26 -11.61
N GLY A 260 8.76 9.61 -10.67
CA GLY A 260 7.86 10.34 -9.81
C GLY A 260 8.55 11.37 -8.94
N VAL A 261 9.72 11.02 -8.40
CA VAL A 261 10.43 11.99 -7.57
C VAL A 261 11.04 13.09 -8.44
N ALA A 262 11.55 12.74 -9.63
CA ALA A 262 12.28 13.69 -10.46
C ALA A 262 11.35 14.67 -11.16
N ILE A 263 10.11 14.27 -11.45
CA ILE A 263 9.17 15.19 -12.10
C ILE A 263 8.81 16.34 -11.17
N LEU A 264 9.03 16.19 -9.85
CA LEU A 264 8.59 17.23 -8.86
C LEU A 264 9.54 18.42 -8.83
N GLU A 265 10.83 18.23 -8.86
CA GLU A 265 11.77 19.36 -8.69
C GLU A 265 11.61 20.41 -9.77
N PRO A 266 11.50 20.11 -11.07
CA PRO A 266 11.48 21.16 -12.08
C PRO A 266 10.16 21.95 -12.15
N THR A 267 9.07 21.36 -11.68
CA THR A 267 7.76 22.00 -11.75
C THR A 267 7.24 22.49 -10.40
N LEU A 268 7.95 22.23 -9.32
CA LEU A 268 7.49 22.64 -7.99
C LEU A 268 7.71 24.14 -7.72
N PRO A 269 8.90 24.71 -7.98
CA PRO A 269 9.09 26.15 -7.76
C PRO A 269 8.16 27.04 -8.58
N ILE A 270 7.81 26.66 -9.81
CA ILE A 270 6.88 27.45 -10.59
C ILE A 270 5.50 27.47 -9.96
N TRP A 271 5.01 26.30 -9.53
CA TRP A 271 3.71 26.23 -8.86
C TRP A 271 3.72 27.00 -7.55
N MET A 272 4.87 26.99 -6.85
CA MET A 272 4.97 27.72 -5.58
C MET A 272 4.76 29.21 -5.79
N MET A 273 5.47 29.79 -6.75
CA MET A 273 5.30 31.21 -7.06
C MET A 273 3.91 31.51 -7.59
N GLN A 274 3.35 30.60 -8.40
CA GLN A 274 2.02 30.86 -8.96
C GLN A 274 0.93 30.79 -7.90
N THR A 275 1.09 29.94 -6.88
CA THR A 275 0.01 29.67 -5.93
C THR A 275 0.17 30.38 -4.60
N MET A 276 1.29 30.20 -3.88
CA MET A 276 1.37 30.70 -2.51
C MET A 276 2.16 31.99 -2.35
N CYS A 277 2.80 32.48 -3.41
CA CYS A 277 3.51 33.76 -3.40
C CYS A 277 4.64 33.77 -2.36
N SER A 278 5.58 32.88 -2.55
CA SER A 278 6.67 32.74 -1.60
C SER A 278 7.89 33.52 -2.05
N PRO A 279 8.76 33.94 -1.12
CA PRO A 279 10.03 34.57 -1.51
C PRO A 279 10.94 33.57 -2.21
N LYS A 280 12.02 34.10 -2.78
CA LYS A 280 12.93 33.27 -3.57
C LYS A 280 13.72 32.30 -2.71
N TRP A 281 14.04 32.69 -1.48
CA TRP A 281 15.00 31.92 -0.69
C TRP A 281 14.43 30.61 -0.18
N GLN A 282 13.11 30.44 -0.17
CA GLN A 282 12.54 29.18 0.32
C GLN A 282 12.42 28.11 -0.75
N LEU A 283 12.67 28.45 -2.02
CA LEU A 283 12.56 27.46 -3.09
C LEU A 283 13.58 26.34 -2.92
N GLY A 284 14.82 26.68 -2.59
CA GLY A 284 15.80 25.66 -2.34
C GLY A 284 15.51 24.86 -1.08
N LEU A 285 15.03 25.53 -0.04
CA LEU A 285 14.80 24.87 1.24
C LEU A 285 13.54 24.00 1.24
N ALA A 286 12.67 24.17 0.25
CA ALA A 286 11.47 23.33 0.17
C ALA A 286 11.82 21.87 -0.04
N PHE A 287 12.79 21.58 -0.91
CA PHE A 287 13.14 20.21 -1.26
C PHE A 287 14.21 19.61 -0.35
N LEU A 288 14.70 20.37 0.63
CA LEU A 288 15.63 19.85 1.62
C LEU A 288 15.11 18.64 2.42
N PRO A 289 13.86 18.64 2.93
CA PRO A 289 13.37 17.45 3.65
C PRO A 289 13.37 16.18 2.80
N ALA A 290 13.18 16.31 1.50
CA ALA A 290 13.27 15.15 0.62
C ALA A 290 14.66 14.53 0.67
N SER A 291 15.70 15.37 0.61
CA SER A 291 17.07 14.87 0.69
C SER A 291 17.36 14.23 2.04
N VAL A 292 16.95 14.88 3.12
CA VAL A 292 17.24 14.36 4.46
C VAL A 292 16.53 13.03 4.69
N SER A 293 15.24 12.96 4.32
CA SER A 293 14.48 11.73 4.48
C SER A 293 15.03 10.63 3.58
N TYR A 294 15.49 10.99 2.38
CA TYR A 294 16.09 9.99 1.49
C TYR A 294 17.35 9.41 2.11
N LEU A 295 18.18 10.25 2.73
CA LEU A 295 19.40 9.75 3.37
C LEU A 295 19.07 8.81 4.53
N ILE A 296 18.17 9.24 5.43
CA ILE A 296 17.84 8.42 6.60
C ILE A 296 17.21 7.09 6.16
N GLY A 297 16.30 7.16 5.18
CA GLY A 297 15.68 5.96 4.66
C GLY A 297 16.68 5.03 3.98
N THR A 298 17.66 5.59 3.25
CA THR A 298 18.55 4.72 2.49
C THR A 298 19.45 3.91 3.43
N ASN A 299 20.05 4.55 4.45
CA ASN A 299 20.82 3.73 5.40
C ASN A 299 19.95 2.80 6.23
N LEU A 300 18.85 3.31 6.79
CA LEU A 300 18.03 2.49 7.70
C LEU A 300 17.41 1.30 6.98
N PHE A 301 16.94 1.50 5.74
CA PHE A 301 16.28 0.41 5.06
C PHE A 301 17.23 -0.43 4.23
N GLY A 302 18.44 0.06 3.93
CA GLY A 302 19.50 -0.85 3.53
C GLY A 302 19.84 -1.82 4.63
N VAL A 303 19.77 -1.35 5.88
CA VAL A 303 19.93 -2.26 7.01
C VAL A 303 18.74 -3.24 7.11
N LEU A 304 17.52 -2.73 7.00
CA LEU A 304 16.33 -3.50 7.36
C LEU A 304 15.70 -4.32 6.22
N ALA A 305 16.16 -4.15 4.98
CA ALA A 305 15.49 -4.80 3.85
C ALA A 305 15.64 -6.32 3.90
N ASN A 306 16.82 -6.79 4.29
CA ASN A 306 17.05 -8.23 4.36
C ASN A 306 16.18 -8.87 5.42
N LYS A 307 16.04 -8.22 6.58
CA LYS A 307 15.24 -8.78 7.66
C LYS A 307 13.76 -8.76 7.32
N MET A 308 13.26 -7.63 6.83
CA MET A 308 11.83 -7.47 6.64
C MET A 308 11.33 -7.95 5.27
N GLY A 309 12.20 -8.02 4.27
CA GLY A 309 11.81 -8.54 2.98
C GLY A 309 11.93 -7.53 1.85
N ARG A 310 12.51 -7.95 0.73
CA ARG A 310 12.73 -7.03 -0.38
C ARG A 310 11.42 -6.62 -1.04
N TRP A 311 10.55 -7.60 -1.30
CA TRP A 311 9.32 -7.31 -2.03
C TRP A 311 8.37 -6.45 -1.20
N LEU A 312 8.29 -6.71 0.11
CA LEU A 312 7.46 -5.90 0.97
C LEU A 312 8.00 -4.48 1.08
N CYS A 313 9.33 -4.34 1.12
CA CYS A 313 9.95 -3.02 1.13
C CYS A 313 9.63 -2.24 -0.13
N SER A 314 9.75 -2.89 -1.30
CA SER A 314 9.45 -2.22 -2.55
C SER A 314 7.98 -1.84 -2.65
N LEU A 315 7.09 -2.74 -2.21
CA LEU A 315 5.66 -2.47 -2.26
C LEU A 315 5.28 -1.29 -1.37
N ILE A 316 5.79 -1.30 -0.12
CA ILE A 316 5.45 -0.25 0.83
C ILE A 316 6.06 1.08 0.38
N GLY A 317 7.28 1.04 -0.17
CA GLY A 317 7.90 2.26 -0.64
C GLY A 317 7.16 2.88 -1.82
N MET A 318 6.71 2.03 -2.76
CA MET A 318 6.00 2.58 -3.91
C MET A 318 4.63 3.10 -3.50
N LEU A 319 3.96 2.44 -2.56
CA LEU A 319 2.69 2.97 -2.06
C LEU A 319 2.87 4.29 -1.33
N VAL A 320 3.94 4.40 -0.52
CA VAL A 320 4.19 5.65 0.19
C VAL A 320 4.54 6.77 -0.78
N VAL A 321 5.30 6.45 -1.83
CA VAL A 321 5.62 7.45 -2.85
C VAL A 321 4.35 7.93 -3.55
N GLY A 322 3.45 6.99 -3.87
CA GLY A 322 2.20 7.36 -4.51
C GLY A 322 1.34 8.26 -3.64
N THR A 323 1.21 7.90 -2.35
CA THR A 323 0.40 8.71 -1.44
C THR A 323 1.03 10.09 -1.22
N SER A 324 2.35 10.15 -1.10
CA SER A 324 3.01 11.44 -0.91
C SER A 324 2.86 12.33 -2.13
N LEU A 325 3.02 11.76 -3.33
CA LEU A 325 2.82 12.55 -4.54
C LEU A 325 1.38 12.99 -4.68
N LEU A 326 0.43 12.18 -4.20
CA LEU A 326 -0.97 12.56 -4.25
C LEU A 326 -1.27 13.69 -3.29
N CYS A 327 -0.62 13.70 -2.13
CA CYS A 327 -0.89 14.72 -1.12
C CYS A 327 -0.04 15.98 -1.28
N VAL A 328 0.95 15.95 -2.17
CA VAL A 328 1.76 17.17 -2.42
C VAL A 328 0.93 18.34 -2.93
N PRO A 329 0.08 18.20 -3.98
CA PRO A 329 -0.58 19.40 -4.52
C PRO A 329 -1.76 19.94 -3.72
N LEU A 330 -1.92 19.52 -2.47
CA LEU A 330 -2.99 20.04 -1.63
C LEU A 330 -2.51 21.08 -0.62
N ALA A 331 -1.21 21.26 -0.46
CA ALA A 331 -0.69 22.20 0.54
C ALA A 331 -1.00 23.63 0.13
N HIS A 332 -1.29 24.47 1.13
CA HIS A 332 -1.60 25.88 0.91
C HIS A 332 -0.51 26.81 1.40
N ASN A 333 0.54 26.29 2.02
CA ASN A 333 1.66 27.11 2.46
C ASN A 333 2.93 26.27 2.41
N ILE A 334 4.05 26.90 2.79
CA ILE A 334 5.34 26.23 2.75
C ILE A 334 5.39 25.11 3.78
N PHE A 335 4.79 25.32 4.95
CA PHE A 335 4.90 24.34 6.02
C PHE A 335 4.14 23.06 5.74
N GLY A 336 3.16 23.10 4.83
CA GLY A 336 2.42 21.91 4.50
C GLY A 336 3.14 20.93 3.59
N LEU A 337 4.28 21.32 3.04
CA LEU A 337 5.05 20.46 2.16
C LEU A 337 6.16 19.72 2.89
N ILE A 338 6.26 19.89 4.21
CA ILE A 338 7.32 19.22 4.97
C ILE A 338 7.04 17.73 5.06
N GLY A 339 5.78 17.36 5.27
CA GLY A 339 5.38 15.98 5.42
C GLY A 339 5.49 15.15 4.15
N PRO A 340 4.77 15.56 3.09
CA PRO A 340 4.82 14.79 1.83
C PRO A 340 6.21 14.66 1.23
N ASN A 341 7.02 15.71 1.32
CA ASN A 341 8.39 15.63 0.80
C ASN A 341 9.21 14.61 1.58
N ALA A 342 9.07 14.60 2.91
CA ALA A 342 9.80 13.64 3.73
C ALA A 342 9.35 12.21 3.45
N GLY A 343 8.04 12.02 3.28
CA GLY A 343 7.54 10.71 2.93
C GLY A 343 8.03 10.24 1.57
N LEU A 344 8.09 11.17 0.60
CA LEU A 344 8.59 10.84 -0.73
C LEU A 344 10.06 10.42 -0.66
N GLY A 345 10.86 11.17 0.11
CA GLY A 345 12.27 10.82 0.25
C GLY A 345 12.48 9.47 0.91
N LEU A 346 11.74 9.22 2.01
CA LEU A 346 11.84 7.94 2.70
C LEU A 346 11.42 6.77 1.81
N ALA A 347 10.32 6.94 1.07
CA ALA A 347 9.86 5.86 0.21
C ALA A 347 10.77 5.64 -0.98
N ILE A 348 11.36 6.71 -1.53
CA ILE A 348 12.27 6.53 -2.66
C ILE A 348 13.55 5.84 -2.20
N GLY A 349 14.04 6.19 -1.00
CA GLY A 349 15.16 5.45 -0.43
C GLY A 349 14.81 4.00 -0.18
N MET A 350 13.58 3.74 0.26
CA MET A 350 13.05 2.39 0.39
C MET A 350 13.18 1.61 -0.92
N VAL A 351 12.66 2.19 -1.99
CA VAL A 351 12.60 1.50 -3.28
C VAL A 351 14.00 1.26 -3.83
N ASP A 352 14.87 2.27 -3.73
CA ASP A 352 16.23 2.13 -4.25
C ASP A 352 17.02 1.09 -3.49
N SER A 353 16.96 1.14 -2.15
CA SER A 353 17.69 0.17 -1.34
C SER A 353 17.15 -1.24 -1.53
N SER A 354 15.85 -1.38 -1.75
CA SER A 354 15.28 -2.71 -1.95
C SER A 354 15.64 -3.26 -3.33
N MET A 355 15.59 -2.43 -4.37
CA MET A 355 15.74 -2.93 -5.72
C MET A 355 17.18 -2.95 -6.22
N MET A 356 18.12 -2.35 -5.50
CA MET A 356 19.53 -2.51 -5.88
C MET A 356 20.03 -3.95 -5.77
N PRO A 357 19.91 -4.62 -4.62
CA PRO A 357 20.45 -5.99 -4.54
C PRO A 357 19.60 -7.02 -5.27
N ILE A 358 18.35 -6.71 -5.59
CA ILE A 358 17.47 -7.70 -6.21
C ILE A 358 17.94 -8.04 -7.62
N MET A 359 18.53 -7.07 -8.33
CA MET A 359 19.05 -7.35 -9.67
C MET A 359 20.22 -8.33 -9.61
N GLY A 360 21.14 -8.11 -8.67
CA GLY A 360 22.24 -9.04 -8.51
C GLY A 360 21.79 -10.40 -8.06
N HIS A 361 20.78 -10.45 -7.18
CA HIS A 361 20.25 -11.73 -6.75
C HIS A 361 19.61 -12.49 -7.91
N LEU A 362 18.88 -11.78 -8.77
CA LEU A 362 18.26 -12.42 -9.94
C LEU A 362 19.31 -12.94 -10.91
N VAL A 363 20.34 -12.12 -11.18
CA VAL A 363 21.37 -12.55 -12.14
C VAL A 363 22.18 -13.70 -11.58
N ASP A 364 22.35 -13.76 -10.26
CA ASP A 364 23.02 -14.91 -9.66
C ASP A 364 22.14 -16.14 -9.66
N LEU A 365 20.83 -15.98 -9.48
CA LEU A 365 19.93 -17.13 -9.38
C LEU A 365 19.70 -17.78 -10.75
N ARG A 366 19.46 -16.97 -11.78
CA ARG A 366 19.02 -17.52 -13.05
C ARG A 366 20.07 -17.53 -14.14
N HIS A 367 21.01 -16.60 -14.13
CA HIS A 367 21.97 -16.47 -15.21
C HIS A 367 23.40 -16.53 -14.67
N THR A 368 24.37 -16.25 -15.55
CA THR A 368 25.77 -16.29 -15.17
C THR A 368 26.11 -15.13 -14.23
N SER A 369 27.24 -15.26 -13.55
CA SER A 369 27.63 -14.32 -12.50
C SER A 369 28.53 -13.22 -13.06
N VAL A 370 27.90 -12.31 -13.77
CA VAL A 370 28.51 -11.05 -14.19
C VAL A 370 27.48 -9.95 -14.00
N TYR A 371 27.83 -8.93 -13.23
CA TYR A 371 26.86 -7.96 -12.74
C TYR A 371 26.88 -6.62 -13.46
N GLY A 372 27.65 -6.49 -14.54
CA GLY A 372 27.72 -5.21 -15.23
C GLY A 372 26.42 -4.82 -15.92
N SER A 373 25.80 -5.79 -16.62
CA SER A 373 24.70 -5.46 -17.51
C SER A 373 23.45 -5.04 -16.76
N VAL A 374 23.09 -5.76 -15.70
CA VAL A 374 21.83 -5.47 -15.00
C VAL A 374 21.93 -4.14 -14.25
N TYR A 375 23.10 -3.82 -13.71
CA TYR A 375 23.25 -2.53 -13.06
C TYR A 375 23.36 -1.40 -14.09
N ALA A 376 23.85 -1.71 -15.29
CA ALA A 376 23.72 -0.76 -16.39
C ALA A 376 22.26 -0.48 -16.69
N ILE A 377 21.43 -1.53 -16.63
CA ILE A 377 19.99 -1.36 -16.83
C ILE A 377 19.39 -0.47 -15.75
N ALA A 378 19.81 -0.69 -14.50
CA ALA A 378 19.31 0.12 -13.39
C ALA A 378 19.71 1.59 -13.55
N ASP A 379 20.95 1.84 -13.95
CA ASP A 379 21.38 3.20 -14.22
C ASP A 379 20.63 3.80 -15.40
N VAL A 380 20.26 2.97 -16.38
CA VAL A 380 19.44 3.43 -17.49
C VAL A 380 18.08 3.89 -16.98
N ALA A 381 17.50 3.14 -16.04
CA ALA A 381 16.21 3.53 -15.46
C ALA A 381 16.33 4.85 -14.70
N PHE A 382 17.39 4.99 -13.91
CA PHE A 382 17.65 6.25 -13.20
C PHE A 382 17.77 7.43 -14.16
N CYS A 383 18.57 7.26 -15.22
CA CYS A 383 18.82 8.36 -16.13
C CYS A 383 17.59 8.70 -16.96
N MET A 384 16.79 7.69 -17.32
CA MET A 384 15.54 7.96 -18.03
C MET A 384 14.58 8.74 -17.17
N GLY A 385 14.49 8.38 -15.88
CA GLY A 385 13.65 9.15 -14.97
C GLY A 385 14.12 10.58 -14.82
N PHE A 386 15.44 10.78 -14.71
CA PHE A 386 15.96 12.14 -14.54
C PHE A 386 15.90 12.95 -15.82
N ALA A 387 15.87 12.30 -16.99
CA ALA A 387 15.85 13.01 -18.27
C ALA A 387 14.46 13.36 -18.76
N ILE A 388 13.47 12.50 -18.51
CA ILE A 388 12.12 12.78 -18.98
C ILE A 388 11.50 14.01 -18.33
N GLY A 389 11.89 14.34 -17.11
CA GLY A 389 11.20 15.33 -16.32
C GLY A 389 11.50 16.79 -16.66
N PRO A 390 12.75 17.21 -16.48
CA PRO A 390 13.07 18.63 -16.65
C PRO A 390 12.85 19.19 -18.05
N SER A 391 12.90 18.35 -19.08
CA SER A 391 12.73 18.85 -20.44
C SER A 391 11.27 19.09 -20.80
N THR A 392 10.35 18.30 -20.25
CA THR A 392 8.95 18.37 -20.64
C THR A 392 8.01 18.79 -19.51
N GLY A 393 8.54 19.13 -18.34
CA GLY A 393 7.69 19.45 -17.20
C GLY A 393 6.85 20.70 -17.43
N GLY A 394 7.47 21.75 -17.96
CA GLY A 394 6.74 22.97 -18.23
C GLY A 394 5.66 22.80 -19.28
N ALA A 395 5.96 22.01 -20.32
CA ALA A 395 4.95 21.72 -21.34
C ALA A 395 3.78 20.95 -20.76
N ILE A 396 4.07 19.96 -19.91
CA ILE A 396 3.00 19.16 -19.32
C ILE A 396 2.14 20.00 -18.37
N VAL A 397 2.77 20.88 -17.59
CA VAL A 397 1.98 21.69 -16.65
C VAL A 397 1.15 22.71 -17.41
N LYS A 398 1.72 23.31 -18.47
CA LYS A 398 0.93 24.23 -19.29
C LYS A 398 -0.18 23.53 -20.04
N ALA A 399 -0.04 22.24 -20.33
CA ALA A 399 -1.10 21.49 -21.00
C ALA A 399 -2.21 21.09 -20.04
N ILE A 400 -1.88 20.29 -19.02
CA ILE A 400 -2.91 19.76 -18.13
C ILE A 400 -2.87 20.36 -16.73
N GLY A 401 -1.73 20.74 -16.21
CA GLY A 401 -1.69 21.32 -14.88
C GLY A 401 -0.87 20.49 -13.91
N PHE A 402 -0.36 21.15 -12.88
CA PHE A 402 0.43 20.48 -11.84
C PHE A 402 -0.34 19.41 -11.08
N PRO A 403 -1.54 19.67 -10.54
CA PRO A 403 -2.23 18.63 -9.76
C PRO A 403 -2.59 17.39 -10.54
N TRP A 404 -2.96 17.53 -11.82
CA TRP A 404 -3.24 16.36 -12.63
C TRP A 404 -1.98 15.53 -12.87
N LEU A 405 -0.84 16.20 -13.05
CA LEU A 405 0.42 15.50 -13.20
C LEU A 405 0.78 14.72 -11.95
N MET A 406 0.60 15.34 -10.78
CA MET A 406 0.88 14.64 -9.52
C MET A 406 -0.06 13.46 -9.32
N VAL A 407 -1.33 13.64 -9.66
CA VAL A 407 -2.31 12.56 -9.51
C VAL A 407 -1.96 11.40 -10.43
N ILE A 408 -1.56 11.70 -11.67
CA ILE A 408 -1.21 10.64 -12.61
C ILE A 408 0.01 9.87 -12.13
N THR A 409 1.03 10.59 -11.63
CA THR A 409 2.24 9.93 -11.15
C THR A 409 1.93 9.03 -9.95
N GLY A 410 1.15 9.54 -8.99
CA GLY A 410 0.80 8.74 -7.83
C GLY A 410 -0.03 7.53 -8.18
N VAL A 411 -0.97 7.69 -9.13
CA VAL A 411 -1.81 6.57 -9.54
C VAL A 411 -0.99 5.50 -10.24
N ILE A 412 -0.03 5.91 -11.08
CA ILE A 412 0.81 4.94 -11.79
C ILE A 412 1.66 4.16 -10.80
N ASN A 413 2.24 4.85 -9.81
CA ASN A 413 3.03 4.16 -8.80
C ASN A 413 2.18 3.18 -7.99
N ILE A 414 0.98 3.60 -7.59
CA ILE A 414 0.10 2.75 -6.77
C ILE A 414 -0.33 1.52 -7.56
N VAL A 415 -0.72 1.70 -8.83
CA VAL A 415 -1.11 0.57 -9.64
C VAL A 415 0.04 -0.37 -9.92
N TYR A 416 1.26 0.14 -10.10
CA TYR A 416 2.40 -0.74 -10.32
C TYR A 416 2.85 -1.46 -9.06
N ALA A 417 2.51 -0.92 -7.89
CA ALA A 417 2.98 -1.49 -6.62
C ALA A 417 2.57 -2.94 -6.40
N PRO A 418 1.39 -3.41 -6.82
CA PRO A 418 1.09 -4.84 -6.75
C PRO A 418 2.08 -5.76 -7.44
N LEU A 419 2.76 -5.28 -8.50
CA LEU A 419 3.58 -6.16 -9.32
C LEU A 419 4.92 -6.53 -8.69
N CYS A 420 5.25 -5.98 -7.53
CA CYS A 420 6.47 -6.36 -6.83
C CYS A 420 6.32 -7.67 -6.06
N TYR A 421 5.12 -8.25 -6.05
CA TYR A 421 4.92 -9.55 -5.41
C TYR A 421 5.61 -10.66 -6.19
N TYR A 422 5.88 -10.44 -7.49
CA TYR A 422 6.50 -11.45 -8.32
C TYR A 422 7.94 -11.74 -7.91
N LEU A 423 8.61 -10.81 -7.25
CA LEU A 423 10.02 -10.95 -6.91
C LEU A 423 10.24 -11.61 -5.55
N ARG A 424 9.21 -12.23 -4.98
CA ARG A 424 9.39 -12.92 -3.71
C ARG A 424 10.33 -14.10 -3.83
N SER A 425 10.16 -14.90 -4.89
CA SER A 425 10.98 -16.08 -5.06
C SER A 425 11.01 -16.49 -6.54
N PRO A 426 11.92 -15.92 -7.33
CA PRO A 426 12.03 -16.33 -8.73
C PRO A 426 12.53 -17.75 -8.84
N PRO A 427 12.02 -18.52 -9.81
CA PRO A 427 12.54 -19.87 -10.02
C PRO A 427 13.99 -19.83 -10.49
N ALA A 428 14.75 -20.85 -10.08
CA ALA A 428 16.16 -20.92 -10.42
C ALA A 428 16.34 -21.55 -11.80
N LYS A 429 17.57 -21.48 -12.31
CA LYS A 429 17.89 -22.09 -13.58
C LYS A 429 18.00 -23.61 -13.43
N GLU A 430 17.80 -24.31 -14.54
CA GLU A 430 17.90 -25.77 -14.54
C GLU A 430 19.34 -26.20 -14.27
N SER B 19 -40.58 1.47 29.94
CA SER B 19 -39.27 1.96 30.41
C SER B 19 -38.28 2.08 29.25
N ARG B 20 -37.53 3.17 29.21
CA ARG B 20 -36.54 3.42 28.13
C ARG B 20 -35.42 2.39 28.14
N GLN B 21 -34.95 1.95 29.29
CA GLN B 21 -33.80 1.02 29.26
C GLN B 21 -34.11 -0.32 28.56
N LEU B 22 -34.79 -1.28 29.19
CA LEU B 22 -35.11 -2.63 28.76
C LEU B 22 -35.03 -2.79 27.24
N VAL B 23 -35.48 -1.77 26.50
CA VAL B 23 -35.40 -1.83 25.05
C VAL B 23 -33.94 -1.82 24.58
N LEU B 24 -33.10 -1.03 25.27
CA LEU B 24 -31.67 -1.04 24.98
C LEU B 24 -31.08 -2.43 25.22
N VAL B 25 -31.46 -3.05 26.34
CA VAL B 25 -30.92 -4.38 26.68
C VAL B 25 -31.37 -5.42 25.65
N VAL B 26 -32.64 -5.36 25.23
CA VAL B 26 -33.15 -6.37 24.31
C VAL B 26 -32.54 -6.19 22.93
N VAL B 27 -32.37 -4.94 22.47
CA VAL B 27 -31.71 -4.71 21.18
C VAL B 27 -30.25 -5.16 21.23
N PHE B 28 -29.58 -4.90 22.37
CA PHE B 28 -28.22 -5.38 22.61
C PHE B 28 -28.15 -6.90 22.47
N VAL B 29 -29.06 -7.61 23.14
CA VAL B 29 -29.00 -9.07 23.14
C VAL B 29 -29.32 -9.63 21.77
N ALA B 30 -30.27 -9.02 21.05
CA ALA B 30 -30.63 -9.49 19.72
C ALA B 30 -29.46 -9.33 18.74
N LEU B 31 -28.84 -8.15 18.71
CA LEU B 31 -27.72 -7.94 17.81
C LEU B 31 -26.53 -8.83 18.18
N LEU B 32 -26.29 -8.99 19.50
CA LEU B 32 -25.21 -9.86 19.96
C LEU B 32 -25.43 -11.29 19.53
N LEU B 33 -26.66 -11.80 19.68
CA LEU B 33 -26.93 -13.19 19.31
C LEU B 33 -26.82 -13.39 17.80
N ASP B 34 -27.27 -12.41 17.01
CA ASP B 34 -27.17 -12.53 15.56
C ASP B 34 -25.72 -12.58 15.10
N ASN B 35 -24.90 -11.63 15.57
CA ASN B 35 -23.51 -11.63 15.15
C ASN B 35 -22.75 -12.83 15.71
N MET B 36 -23.15 -13.31 16.90
CA MET B 36 -22.54 -14.51 17.45
C MET B 36 -22.84 -15.73 16.59
N LEU B 37 -24.07 -15.83 16.08
CA LEU B 37 -24.42 -16.94 15.19
C LEU B 37 -23.60 -16.87 13.91
N PHE B 38 -23.48 -15.67 13.33
CA PHE B 38 -22.68 -15.49 12.11
C PHE B 38 -21.23 -15.89 12.34
N THR B 39 -20.65 -15.47 13.47
CA THR B 39 -19.24 -15.78 13.71
C THR B 39 -19.06 -17.25 14.08
N VAL B 40 -20.06 -17.87 14.71
CA VAL B 40 -19.89 -19.23 15.21
C VAL B 40 -20.10 -20.24 14.10
N VAL B 41 -20.84 -19.88 13.05
CA VAL B 41 -21.08 -20.82 11.98
C VAL B 41 -19.83 -21.14 11.16
N VAL B 42 -18.80 -20.30 11.24
CA VAL B 42 -17.63 -20.44 10.35
C VAL B 42 -16.72 -21.59 10.76
N PRO B 43 -16.32 -21.74 12.03
CA PRO B 43 -15.43 -22.87 12.39
C PRO B 43 -16.06 -24.24 12.24
N ILE B 44 -17.38 -24.37 12.21
CA ILE B 44 -18.06 -25.62 12.46
C ILE B 44 -18.46 -26.34 11.19
N VAL B 45 -18.92 -25.59 10.17
CA VAL B 45 -19.49 -26.21 8.98
C VAL B 45 -18.47 -27.04 8.18
N PRO B 46 -17.29 -26.51 7.84
CA PRO B 46 -16.30 -27.37 7.16
C PRO B 46 -15.83 -28.54 8.00
N THR B 47 -15.68 -28.35 9.31
CA THR B 47 -15.31 -29.48 10.17
C THR B 47 -16.44 -30.50 10.24
N PHE B 48 -17.70 -30.03 10.18
CA PHE B 48 -18.83 -30.94 10.16
C PHE B 48 -18.81 -31.78 8.89
N LEU B 49 -18.51 -31.14 7.75
CA LEU B 49 -18.45 -31.87 6.49
C LEU B 49 -17.29 -32.85 6.48
N TYR B 50 -16.17 -32.48 7.11
CA TYR B 50 -15.05 -33.40 7.23
C TYR B 50 -15.40 -34.60 8.10
N ASP B 51 -16.17 -34.36 9.18
CA ASP B 51 -16.46 -35.42 10.13
C ASP B 51 -17.38 -36.49 9.54
N MET B 52 -18.35 -36.06 8.72
CA MET B 52 -19.34 -37.01 8.20
C MET B 52 -18.71 -38.02 7.26
N GLU B 53 -17.81 -37.57 6.39
CA GLU B 53 -17.15 -38.49 5.46
C GLU B 53 -16.25 -39.47 6.18
N PHE B 54 -15.55 -39.00 7.22
CA PHE B 54 -14.67 -39.87 7.99
C PHE B 54 -15.07 -39.88 9.46
N THR B 74 -7.60 -35.82 5.26
CA THR B 74 -7.66 -36.03 3.80
C THR B 74 -8.68 -35.05 3.26
N GLY B 75 -8.48 -34.46 2.09
CA GLY B 75 -9.51 -33.51 1.67
C GLY B 75 -10.32 -33.92 0.44
N PHE B 76 -11.64 -34.01 0.59
CA PHE B 76 -12.57 -34.21 -0.55
C PHE B 76 -13.08 -32.79 -0.73
N LEU B 77 -12.43 -31.87 -0.01
CA LEU B 77 -12.89 -30.47 0.11
C LEU B 77 -12.92 -29.75 -1.24
N GLU B 78 -12.00 -30.01 -2.16
CA GLU B 78 -12.02 -29.18 -3.38
C GLU B 78 -13.40 -29.36 -4.02
N GLU B 79 -13.96 -30.57 -4.04
CA GLU B 79 -15.36 -30.71 -4.52
C GLU B 79 -16.28 -29.91 -3.59
N GLU B 80 -16.04 -29.98 -2.27
CA GLU B 80 -16.84 -29.25 -1.24
C GLU B 80 -16.75 -27.73 -1.36
N ILE B 81 -15.56 -27.17 -1.64
CA ILE B 81 -15.38 -25.68 -1.57
C ILE B 81 -16.59 -24.97 -2.20
N THR B 82 -16.97 -25.30 -3.43
CA THR B 82 -18.09 -24.53 -4.02
C THR B 82 -19.34 -24.77 -3.18
N ARG B 83 -19.56 -26.01 -2.76
CA ARG B 83 -20.78 -26.33 -1.97
C ARG B 83 -20.74 -25.59 -0.63
N VAL B 84 -19.58 -25.52 0.03
CA VAL B 84 -19.45 -24.83 1.35
C VAL B 84 -19.75 -23.34 1.16
N GLY B 85 -19.29 -22.75 0.06
CA GLY B 85 -19.51 -21.31 -0.16
C GLY B 85 -20.98 -20.96 -0.26
N VAL B 86 -21.61 -21.08 -1.42
CA VAL B 86 -23.00 -20.77 -1.69
C VAL B 86 -23.81 -20.74 -0.40
N LEU B 87 -23.55 -21.69 0.50
CA LEU B 87 -24.24 -21.74 1.79
C LEU B 87 -23.97 -20.48 2.61
N PHE B 88 -22.72 -20.00 2.59
CA PHE B 88 -22.40 -18.81 3.35
C PHE B 88 -23.01 -17.56 2.72
N ALA B 89 -23.06 -17.48 1.39
CA ALA B 89 -23.64 -16.31 0.74
C ALA B 89 -25.16 -16.31 0.77
N SER B 90 -25.77 -17.42 1.17
CA SER B 90 -27.23 -17.55 1.20
C SER B 90 -27.88 -16.50 2.10
N LYS B 91 -27.32 -16.29 3.30
CA LYS B 91 -27.92 -15.33 4.21
C LYS B 91 -27.83 -13.91 3.68
N ALA B 92 -26.69 -13.57 3.07
CA ALA B 92 -26.53 -12.23 2.50
C ALA B 92 -27.53 -11.98 1.38
N VAL B 93 -27.70 -12.96 0.48
CA VAL B 93 -28.61 -12.73 -0.64
C VAL B 93 -30.05 -12.66 -0.15
N MET B 94 -30.41 -13.50 0.82
CA MET B 94 -31.78 -13.46 1.34
C MET B 94 -32.06 -12.16 2.09
N GLN B 95 -31.08 -11.67 2.86
CA GLN B 95 -31.28 -10.41 3.56
C GLN B 95 -31.41 -9.25 2.58
N LEU B 96 -30.62 -9.27 1.50
CA LEU B 96 -30.74 -8.24 0.47
C LEU B 96 -32.10 -8.28 -0.19
N LEU B 97 -32.63 -9.48 -0.44
CA LEU B 97 -33.96 -9.59 -1.04
C LEU B 97 -35.05 -9.12 -0.08
N VAL B 98 -34.88 -9.38 1.22
CA VAL B 98 -35.96 -9.14 2.18
C VAL B 98 -35.93 -7.72 2.77
N ASN B 99 -34.82 -7.01 2.66
CA ASN B 99 -34.70 -5.68 3.28
C ASN B 99 -35.69 -4.65 2.78
N PRO B 100 -35.95 -4.49 1.47
CA PRO B 100 -36.93 -3.47 1.04
C PRO B 100 -38.34 -3.69 1.56
N PHE B 101 -38.75 -4.94 1.78
CA PHE B 101 -40.12 -5.19 2.21
C PHE B 101 -40.36 -4.82 3.67
N VAL B 102 -39.30 -4.63 4.46
CA VAL B 102 -39.49 -4.38 5.89
C VAL B 102 -39.82 -2.93 6.15
N GLY B 103 -39.70 -2.07 5.14
CA GLY B 103 -39.92 -0.65 5.30
C GLY B 103 -41.34 -0.29 5.68
N PRO B 104 -42.28 -0.47 4.75
CA PRO B 104 -43.67 -0.11 5.04
C PRO B 104 -44.36 -1.06 6.01
N LEU B 105 -43.78 -2.26 6.19
CA LEU B 105 -44.36 -3.24 7.09
C LEU B 105 -44.32 -2.74 8.52
N THR B 106 -43.23 -2.06 8.90
CA THR B 106 -43.16 -1.46 10.22
C THR B 106 -44.19 -0.36 10.40
N ASN B 107 -44.43 0.43 9.34
CA ASN B 107 -45.42 1.49 9.44
C ASN B 107 -46.83 0.93 9.57
N ARG B 108 -47.10 -0.20 8.90
CA ARG B 108 -48.46 -0.74 8.91
C ARG B 108 -48.84 -1.30 10.27
N ILE B 109 -47.95 -2.09 10.88
CA ILE B 109 -48.30 -2.87 12.07
C ILE B 109 -47.38 -2.56 13.25
N GLY B 110 -46.86 -1.34 13.34
CA GLY B 110 -46.03 -0.96 14.47
C GLY B 110 -44.64 -1.59 14.41
N TYR B 111 -43.94 -1.48 15.53
CA TYR B 111 -42.56 -1.97 15.61
C TYR B 111 -42.40 -3.24 16.44
N HIS B 112 -43.28 -3.45 17.43
CA HIS B 112 -43.11 -4.59 18.33
C HIS B 112 -43.33 -5.91 17.61
N ILE B 113 -44.30 -5.96 16.71
CA ILE B 113 -44.63 -7.21 16.01
C ILE B 113 -43.48 -7.74 15.16
N PRO B 114 -42.85 -6.95 14.27
CA PRO B 114 -41.73 -7.52 13.50
C PRO B 114 -40.53 -7.90 14.34
N MET B 115 -40.36 -7.31 15.53
CA MET B 115 -39.28 -7.74 16.41
C MET B 115 -39.53 -9.14 16.95
N PHE B 116 -40.80 -9.46 17.25
CA PHE B 116 -41.13 -10.78 17.77
C PHE B 116 -40.88 -11.85 16.72
N ALA B 117 -41.15 -11.53 15.45
CA ALA B 117 -40.91 -12.48 14.38
C ALA B 117 -39.44 -12.81 14.23
N GLY B 118 -38.57 -11.81 14.42
CA GLY B 118 -37.14 -12.03 14.29
C GLY B 118 -36.61 -13.00 15.33
N PHE B 119 -37.04 -12.85 16.58
CA PHE B 119 -36.63 -13.75 17.64
C PHE B 119 -37.08 -15.18 17.36
N VAL B 120 -38.32 -15.34 16.88
CA VAL B 120 -38.84 -16.68 16.58
C VAL B 120 -38.05 -17.31 15.45
N ILE B 121 -37.74 -16.54 14.41
CA ILE B 121 -37.03 -17.10 13.27
C ILE B 121 -35.60 -17.46 13.64
N MET B 122 -34.93 -16.62 14.45
CA MET B 122 -33.58 -16.97 14.89
C MET B 122 -33.60 -18.16 15.84
N PHE B 123 -34.67 -18.30 16.64
CA PHE B 123 -34.80 -19.49 17.49
C PHE B 123 -34.96 -20.75 16.64
N LEU B 124 -35.76 -20.67 15.58
CA LEU B 124 -35.92 -21.81 14.68
C LEU B 124 -34.61 -22.15 14.00
N SER B 125 -33.87 -21.14 13.55
CA SER B 125 -32.58 -21.39 12.91
C SER B 125 -31.59 -21.99 13.89
N THR B 126 -31.58 -21.51 15.12
CA THR B 126 -30.65 -22.02 16.13
C THR B 126 -30.97 -23.46 16.50
N VAL B 127 -32.26 -23.80 16.60
CA VAL B 127 -32.64 -25.18 16.87
C VAL B 127 -32.30 -26.07 15.68
N MET B 128 -32.51 -25.56 14.46
CA MET B 128 -32.28 -26.36 13.27
C MET B 128 -30.80 -26.63 13.04
N PHE B 129 -29.93 -25.68 13.43
CA PHE B 129 -28.49 -25.86 13.25
C PHE B 129 -27.96 -27.01 14.10
N ALA B 130 -28.43 -27.12 15.35
CA ALA B 130 -27.90 -28.13 16.25
C ALA B 130 -28.32 -29.53 15.82
N PHE B 131 -29.57 -29.68 15.37
CA PHE B 131 -30.12 -30.98 15.03
C PHE B 131 -29.92 -31.36 13.56
N SER B 132 -29.41 -30.44 12.74
CA SER B 132 -29.21 -30.74 11.33
C SER B 132 -28.07 -31.74 11.15
N GLY B 133 -28.23 -32.62 10.17
CA GLY B 133 -27.20 -33.59 9.85
C GLY B 133 -26.82 -33.62 8.38
N THR B 134 -27.67 -33.03 7.53
CA THR B 134 -27.49 -33.04 6.09
C THR B 134 -27.17 -31.63 5.60
N TYR B 135 -26.66 -31.58 4.37
CA TYR B 135 -26.29 -30.30 3.77
C TYR B 135 -27.52 -29.44 3.46
N THR B 136 -28.63 -30.09 3.09
CA THR B 136 -29.81 -29.34 2.69
C THR B 136 -30.43 -28.59 3.87
N LEU B 137 -30.34 -29.16 5.08
CA LEU B 137 -30.91 -28.52 6.24
C LEU B 137 -30.16 -27.24 6.60
N LEU B 138 -28.84 -27.25 6.44
CA LEU B 138 -28.03 -26.08 6.80
C LEU B 138 -28.34 -24.90 5.89
N PHE B 139 -28.69 -25.17 4.64
CA PHE B 139 -29.10 -24.12 3.71
C PHE B 139 -30.34 -23.39 4.20
N VAL B 140 -31.38 -24.13 4.58
CA VAL B 140 -32.60 -23.51 5.07
C VAL B 140 -32.34 -22.83 6.41
N ALA B 141 -31.41 -23.37 7.20
CA ALA B 141 -31.04 -22.73 8.46
C ALA B 141 -30.41 -21.36 8.21
N ARG B 142 -29.50 -21.28 7.24
CA ARG B 142 -28.86 -20.00 6.93
C ARG B 142 -29.87 -19.00 6.36
N THR B 143 -30.79 -19.48 5.51
CA THR B 143 -31.81 -18.58 4.97
C THR B 143 -32.72 -18.04 6.07
N LEU B 144 -33.13 -18.91 7.00
CA LEU B 144 -33.94 -18.47 8.12
C LEU B 144 -33.19 -17.49 9.00
N GLN B 145 -31.89 -17.72 9.21
CA GLN B 145 -31.08 -16.79 9.98
C GLN B 145 -31.02 -15.43 9.29
N GLY B 146 -30.95 -15.42 7.96
CA GLY B 146 -30.93 -14.15 7.24
C GLY B 146 -32.22 -13.37 7.41
N ILE B 147 -33.36 -14.06 7.27
CA ILE B 147 -34.66 -13.41 7.41
C ILE B 147 -34.82 -12.86 8.83
N GLY B 148 -34.46 -13.67 9.83
CA GLY B 148 -34.55 -13.23 11.21
C GLY B 148 -33.62 -12.07 11.51
N SER B 149 -32.42 -12.09 10.95
CA SER B 149 -31.47 -11.00 11.14
C SER B 149 -32.00 -9.70 10.58
N SER B 150 -32.57 -9.75 9.37
CA SER B 150 -33.09 -8.53 8.75
C SER B 150 -34.24 -7.95 9.57
N PHE B 151 -35.19 -8.81 9.95
CA PHE B 151 -36.33 -8.35 10.74
C PHE B 151 -35.90 -7.79 12.09
N SER B 152 -35.03 -8.52 12.79
CA SER B 152 -34.60 -8.10 14.12
C SER B 152 -33.81 -6.80 14.08
N SER B 153 -32.90 -6.66 13.11
CA SER B 153 -32.11 -5.43 13.03
C SER B 153 -32.97 -4.22 12.72
N VAL B 154 -33.85 -4.32 11.71
CA VAL B 154 -34.67 -3.17 11.33
C VAL B 154 -35.63 -2.80 12.46
N ALA B 155 -36.32 -3.81 13.03
CA ALA B 155 -37.28 -3.53 14.08
C ALA B 155 -36.61 -2.98 15.33
N GLY B 156 -35.45 -3.53 15.71
CA GLY B 156 -34.77 -3.06 16.90
C GLY B 156 -34.27 -1.64 16.76
N LEU B 157 -33.67 -1.30 15.61
CA LEU B 157 -33.20 0.06 15.42
C LEU B 157 -34.36 1.04 15.37
N GLY B 158 -35.47 0.66 14.73
CA GLY B 158 -36.64 1.51 14.73
C GLY B 158 -37.21 1.72 16.12
N MET B 159 -37.27 0.66 16.93
CA MET B 159 -37.79 0.78 18.28
C MET B 159 -36.88 1.63 19.16
N LEU B 160 -35.56 1.48 19.00
CA LEU B 160 -34.63 2.31 19.76
C LEU B 160 -34.76 3.77 19.37
N ALA B 161 -34.97 4.05 18.09
CA ALA B 161 -35.21 5.42 17.67
C ALA B 161 -36.50 5.97 18.26
N SER B 162 -37.55 5.14 18.28
CA SER B 162 -38.85 5.62 18.77
C SER B 162 -38.85 5.84 20.27
N VAL B 163 -38.14 5.01 21.04
CA VAL B 163 -38.20 5.12 22.50
C VAL B 163 -37.49 6.38 22.98
N TYR B 164 -36.31 6.68 22.42
CA TYR B 164 -35.53 7.85 22.82
C TYR B 164 -35.96 9.04 21.96
N THR B 165 -36.45 10.08 22.61
CA THR B 165 -36.82 11.32 21.93
C THR B 165 -36.11 12.53 22.51
N ASP B 166 -35.07 12.33 23.34
CA ASP B 166 -34.38 13.44 23.96
C ASP B 166 -33.48 14.19 22.98
N ASP B 167 -33.20 13.60 21.82
CA ASP B 167 -32.40 14.15 20.72
C ASP B 167 -30.90 14.14 21.00
N HIS B 168 -30.47 13.72 22.18
CA HIS B 168 -29.04 13.65 22.49
C HIS B 168 -28.61 12.29 23.01
N GLU B 169 -29.45 11.62 23.80
CA GLU B 169 -29.16 10.26 24.25
C GLU B 169 -29.38 9.24 23.14
N ARG B 170 -30.02 9.63 22.05
CA ARG B 170 -30.23 8.73 20.91
C ARG B 170 -28.92 8.26 20.32
N GLY B 171 -27.94 9.15 20.15
CA GLY B 171 -26.64 8.76 19.66
C GLY B 171 -25.92 7.82 20.60
N ARG B 172 -26.06 8.06 21.90
CA ARG B 172 -25.48 7.16 22.89
C ARG B 172 -26.08 5.77 22.80
N ALA B 173 -27.38 5.69 22.53
CA ALA B 173 -28.03 4.40 22.37
C ALA B 173 -27.46 3.62 21.20
N MET B 174 -27.27 4.29 20.05
CA MET B 174 -26.67 3.64 18.90
C MET B 174 -25.24 3.23 19.18
N GLY B 175 -24.48 4.07 19.90
CA GLY B 175 -23.12 3.72 20.25
C GLY B 175 -23.05 2.47 21.11
N THR B 176 -23.93 2.37 22.12
CA THR B 176 -23.96 1.18 22.97
C THR B 176 -24.37 -0.06 22.17
N ALA B 177 -25.35 0.08 21.27
CA ALA B 177 -25.79 -1.07 20.48
C ALA B 177 -24.69 -1.57 19.56
N LEU B 178 -24.01 -0.65 18.87
CA LEU B 178 -22.93 -1.07 17.98
C LEU B 178 -21.73 -1.61 18.74
N GLY B 179 -21.46 -1.07 19.94
CA GLY B 179 -20.45 -1.67 20.79
C GLY B 179 -20.80 -3.09 21.20
N GLY B 180 -22.08 -3.34 21.47
CA GLY B 180 -22.52 -4.70 21.73
C GLY B 180 -22.36 -5.62 20.55
N LEU B 181 -22.63 -5.11 19.34
CA LEU B 181 -22.40 -5.88 18.13
C LEU B 181 -20.93 -6.24 17.96
N ALA B 182 -20.05 -5.28 18.23
CA ALA B 182 -18.61 -5.54 18.17
C ALA B 182 -18.19 -6.57 19.22
N LEU B 183 -18.77 -6.49 20.42
CA LEU B 183 -18.48 -7.48 21.46
C LEU B 183 -18.92 -8.87 21.05
N GLY B 184 -20.09 -8.97 20.41
CA GLY B 184 -20.53 -10.26 19.90
C GLY B 184 -19.60 -10.81 18.83
N LEU B 185 -19.12 -9.93 17.96
CA LEU B 185 -18.13 -10.34 16.95
C LEU B 185 -16.85 -10.85 17.61
N LEU B 186 -16.42 -10.17 18.67
CA LEU B 186 -15.24 -10.60 19.40
C LEU B 186 -15.43 -11.98 20.04
N VAL B 187 -16.60 -12.21 20.62
CA VAL B 187 -16.80 -13.42 21.40
C VAL B 187 -17.14 -14.63 20.54
N GLY B 188 -17.77 -14.43 19.39
CA GLY B 188 -18.31 -15.54 18.62
C GLY B 188 -17.34 -16.56 18.05
N ALA B 189 -16.26 -16.10 17.43
CA ALA B 189 -15.37 -17.01 16.70
C ALA B 189 -14.67 -18.02 17.58
N PRO B 190 -14.02 -17.65 18.69
CA PRO B 190 -13.39 -18.68 19.55
C PRO B 190 -14.39 -19.58 20.25
N PHE B 191 -15.66 -19.15 20.35
CA PHE B 191 -16.67 -19.89 21.09
C PHE B 191 -16.92 -21.27 20.47
N GLY B 192 -17.36 -21.27 19.21
CA GLY B 192 -17.74 -22.52 18.57
C GLY B 192 -16.56 -23.45 18.34
N SER B 193 -15.42 -22.91 17.91
CA SER B 193 -14.25 -23.74 17.66
C SER B 193 -13.71 -24.34 18.95
N VAL B 194 -13.63 -23.55 20.01
CA VAL B 194 -13.06 -24.06 21.26
C VAL B 194 -14.00 -25.06 21.92
N MET B 195 -15.30 -24.79 21.94
CA MET B 195 -16.22 -25.67 22.65
C MET B 195 -17.00 -26.53 21.65
N TYR B 196 -16.34 -26.98 20.59
CA TYR B 196 -16.86 -27.99 19.69
C TYR B 196 -16.30 -29.37 20.03
N GLU B 197 -14.98 -29.47 20.13
CA GLU B 197 -14.32 -30.73 20.44
C GLU B 197 -14.37 -31.07 21.92
N PHE B 198 -14.84 -30.15 22.76
CA PHE B 198 -14.85 -30.37 24.21
C PHE B 198 -16.17 -30.86 24.75
N VAL B 199 -17.29 -30.34 24.24
CA VAL B 199 -18.60 -30.72 24.77
C VAL B 199 -19.53 -31.09 23.63
N GLY B 200 -18.97 -31.48 22.49
CA GLY B 200 -19.76 -31.95 21.38
C GLY B 200 -20.14 -30.86 20.39
N LYS B 201 -21.00 -31.24 19.45
CA LYS B 201 -21.36 -30.36 18.34
C LYS B 201 -22.60 -29.52 18.63
N SER B 202 -23.66 -30.12 19.18
CA SER B 202 -24.94 -29.43 19.38
C SER B 202 -24.91 -28.46 20.54
N ALA B 203 -23.88 -28.48 21.37
CA ALA B 203 -23.80 -27.59 22.52
C ALA B 203 -23.78 -26.10 22.17
N PRO B 204 -22.88 -25.61 21.30
CA PRO B 204 -22.82 -24.15 21.07
C PRO B 204 -24.04 -23.58 20.38
N PHE B 205 -24.86 -24.39 19.73
CA PHE B 205 -26.12 -23.91 19.21
C PHE B 205 -27.24 -23.97 20.24
N LEU B 206 -27.22 -24.97 21.13
CA LEU B 206 -28.19 -25.01 22.21
C LEU B 206 -27.99 -23.86 23.19
N ILE B 207 -26.73 -23.47 23.42
CA ILE B 207 -26.45 -22.31 24.28
C ILE B 207 -27.00 -21.04 23.65
N LEU B 208 -26.82 -20.89 22.34
CA LEU B 208 -27.38 -19.73 21.64
C LEU B 208 -28.89 -19.73 21.68
N ALA B 209 -29.52 -20.91 21.58
CA ALA B 209 -30.96 -21.00 21.69
C ALA B 209 -31.44 -20.59 23.08
N PHE B 210 -30.74 -21.04 24.12
CA PHE B 210 -31.11 -20.67 25.48
C PHE B 210 -30.93 -19.17 25.71
N LEU B 211 -29.87 -18.59 25.15
CA LEU B 211 -29.69 -17.14 25.24
C LEU B 211 -30.80 -16.40 24.50
N ALA B 212 -31.21 -16.92 23.35
CA ALA B 212 -32.30 -16.30 22.59
C ALA B 212 -33.60 -16.35 23.37
N LEU B 213 -33.85 -17.46 24.08
CA LEU B 213 -35.07 -17.56 24.88
C LEU B 213 -35.07 -16.52 26.00
N LEU B 214 -33.91 -16.23 26.58
CA LEU B 214 -33.83 -15.16 27.57
C LEU B 214 -34.14 -13.81 26.94
N ASP B 215 -33.75 -13.61 25.68
CA ASP B 215 -34.06 -12.37 24.99
C ASP B 215 -35.56 -12.22 24.77
N GLY B 216 -36.24 -13.33 24.47
CA GLY B 216 -37.68 -13.27 24.25
C GLY B 216 -38.45 -12.91 25.50
N ALA B 217 -38.04 -13.46 26.64
CA ALA B 217 -38.72 -13.17 27.90
C ALA B 217 -38.55 -11.70 28.28
N LEU B 218 -37.36 -11.14 28.05
CA LEU B 218 -37.11 -9.74 28.36
C LEU B 218 -37.97 -8.83 27.47
N GLN B 219 -38.05 -9.15 26.18
CA GLN B 219 -38.82 -8.33 25.26
C GLN B 219 -40.30 -8.65 25.30
N LEU B 220 -40.67 -9.80 25.88
CA LEU B 220 -42.09 -10.13 26.01
C LEU B 220 -42.78 -9.19 26.98
N CYS B 221 -42.09 -8.83 28.07
CA CYS B 221 -42.63 -7.87 29.04
C CYS B 221 -42.18 -6.46 28.64
N ILE B 222 -42.81 -5.95 27.59
CA ILE B 222 -42.50 -4.64 27.04
C ILE B 222 -43.79 -3.84 26.93
N LEU B 223 -43.74 -2.59 27.37
CA LEU B 223 -44.88 -1.68 27.33
C LEU B 223 -46.02 -2.21 28.20
N ALA B 233 -40.79 11.38 9.91
CA ALA B 233 -39.89 12.42 9.35
C ALA B 233 -39.13 11.85 8.14
N LYS B 234 -39.84 11.45 7.09
CA LYS B 234 -39.20 10.80 5.91
C LYS B 234 -38.35 11.75 5.07
N GLY B 235 -37.31 11.23 4.43
CA GLY B 235 -36.50 12.06 3.51
C GLY B 235 -35.44 11.32 2.72
N THR B 236 -35.51 11.36 1.38
CA THR B 236 -34.43 10.87 0.53
C THR B 236 -34.27 9.36 0.66
N PRO B 237 -35.14 8.57 0.05
CA PRO B 237 -35.05 7.10 0.18
C PRO B 237 -33.77 6.55 -0.42
N LEU B 238 -33.44 5.32 -0.04
CA LEU B 238 -32.14 4.75 -0.36
C LEU B 238 -31.95 4.52 -1.85
N PHE B 239 -33.04 4.23 -2.58
CA PHE B 239 -32.91 3.95 -4.01
C PHE B 239 -32.58 5.19 -4.83
N MET B 240 -32.73 6.39 -4.28
CA MET B 240 -32.20 7.59 -4.89
C MET B 240 -30.90 8.09 -4.27
N LEU B 241 -30.57 7.63 -3.05
CA LEU B 241 -29.31 8.02 -2.44
C LEU B 241 -28.11 7.43 -3.17
N LEU B 242 -28.29 6.31 -3.87
CA LEU B 242 -27.21 5.68 -4.61
C LEU B 242 -27.08 6.21 -6.04
N LYS B 243 -27.60 7.42 -6.30
CA LYS B 243 -27.53 8.02 -7.63
C LYS B 243 -26.43 9.06 -7.76
N ASP B 244 -25.68 9.34 -6.69
CA ASP B 244 -24.60 10.30 -6.80
C ASP B 244 -23.26 9.61 -6.67
N PRO B 245 -22.25 10.07 -7.42
CA PRO B 245 -20.95 9.36 -7.45
C PRO B 245 -20.25 9.29 -6.10
N TYR B 246 -20.44 10.28 -5.23
CA TYR B 246 -19.72 10.30 -3.97
C TYR B 246 -20.17 9.17 -3.05
N ILE B 247 -21.48 9.00 -2.88
CA ILE B 247 -22.00 7.94 -2.03
C ILE B 247 -21.69 6.58 -2.63
N LEU B 248 -21.72 6.48 -3.97
CA LEU B 248 -21.37 5.22 -4.61
C LEU B 248 -19.91 4.85 -4.37
N VAL B 249 -19.02 5.85 -4.44
CA VAL B 249 -17.61 5.59 -4.18
C VAL B 249 -17.39 5.19 -2.73
N ALA B 250 -18.10 5.85 -1.81
CA ALA B 250 -17.98 5.49 -0.40
C ALA B 250 -18.46 4.06 -0.13
N ALA B 251 -19.62 3.70 -0.68
CA ALA B 251 -20.15 2.36 -0.49
C ALA B 251 -19.26 1.32 -1.14
N GLY B 252 -18.70 1.63 -2.31
CA GLY B 252 -17.78 0.71 -2.96
C GLY B 252 -16.51 0.51 -2.16
N SER B 253 -15.99 1.58 -1.56
CA SER B 253 -14.82 1.46 -0.70
C SER B 253 -15.10 0.59 0.50
N ILE B 254 -16.27 0.77 1.13
CA ILE B 254 -16.63 -0.04 2.28
C ILE B 254 -16.78 -1.51 1.88
N CYS B 255 -17.44 -1.76 0.74
CA CYS B 255 -17.65 -3.13 0.29
C CYS B 255 -16.33 -3.81 -0.07
N PHE B 256 -15.44 -3.10 -0.76
CA PHE B 256 -14.16 -3.69 -1.14
C PHE B 256 -13.24 -3.86 0.05
N ALA B 257 -13.40 -3.05 1.11
CA ALA B 257 -12.63 -3.28 2.32
C ALA B 257 -13.18 -4.48 3.09
N ASN B 258 -14.50 -4.65 3.10
CA ASN B 258 -15.10 -5.75 3.84
C ASN B 258 -14.98 -7.08 3.13
N MET B 259 -14.79 -7.08 1.80
CA MET B 259 -14.72 -8.32 1.06
C MET B 259 -13.50 -9.16 1.44
N GLY B 260 -12.43 -8.49 1.90
CA GLY B 260 -11.23 -9.21 2.29
C GLY B 260 -11.46 -10.15 3.46
N VAL B 261 -12.34 -9.76 4.38
CA VAL B 261 -12.69 -10.65 5.47
C VAL B 261 -13.95 -11.45 5.14
N ALA B 262 -14.72 -11.00 4.15
CA ALA B 262 -15.88 -11.77 3.71
C ALA B 262 -15.46 -13.07 3.06
N ILE B 263 -14.47 -13.01 2.16
CA ILE B 263 -14.01 -14.21 1.46
C ILE B 263 -13.06 -15.06 2.29
N LEU B 264 -12.61 -14.55 3.44
CA LEU B 264 -11.72 -15.33 4.30
C LEU B 264 -12.45 -16.42 5.07
N GLU B 265 -13.74 -16.22 5.35
CA GLU B 265 -14.49 -17.18 6.14
C GLU B 265 -14.63 -18.54 5.48
N PRO B 266 -15.14 -18.66 4.25
CA PRO B 266 -15.42 -20.01 3.72
C PRO B 266 -14.18 -20.83 3.39
N THR B 267 -13.04 -20.20 3.07
CA THR B 267 -11.92 -20.93 2.52
C THR B 267 -10.68 -20.97 3.40
N LEU B 268 -10.68 -20.28 4.54
CA LEU B 268 -9.49 -20.30 5.39
C LEU B 268 -9.40 -21.56 6.25
N PRO B 269 -10.48 -22.00 6.93
CA PRO B 269 -10.39 -23.27 7.67
C PRO B 269 -10.04 -24.48 6.81
N ILE B 270 -10.59 -24.56 5.59
CA ILE B 270 -10.28 -25.68 4.72
C ILE B 270 -8.80 -25.65 4.32
N TRP B 271 -8.27 -24.46 4.04
CA TRP B 271 -6.84 -24.32 3.76
C TRP B 271 -6.01 -24.72 4.96
N MET B 272 -6.48 -24.40 6.17
CA MET B 272 -5.76 -24.76 7.39
C MET B 272 -5.66 -26.28 7.53
N MET B 273 -6.80 -26.98 7.42
CA MET B 273 -6.77 -28.43 7.53
C MET B 273 -6.02 -29.08 6.37
N GLN B 274 -6.03 -28.45 5.19
CA GLN B 274 -5.36 -29.04 4.05
C GLN B 274 -3.85 -28.92 4.15
N THR B 275 -3.33 -27.79 4.61
CA THR B 275 -1.90 -27.54 4.58
C THR B 275 -1.26 -27.53 5.96
N MET B 276 -1.77 -26.72 6.89
CA MET B 276 -1.03 -26.42 8.11
C MET B 276 -1.13 -27.53 9.16
N CYS B 277 -2.11 -28.42 9.05
CA CYS B 277 -2.23 -29.57 9.94
C CYS B 277 -2.46 -29.15 11.40
N SER B 278 -3.34 -28.19 11.59
CA SER B 278 -3.63 -27.70 12.93
C SER B 278 -4.77 -28.50 13.57
N PRO B 279 -4.88 -28.46 14.89
CA PRO B 279 -6.00 -29.14 15.55
C PRO B 279 -7.32 -28.45 15.26
N LYS B 280 -8.41 -29.18 15.52
CA LYS B 280 -9.72 -28.70 15.15
C LYS B 280 -10.22 -27.55 16.02
N TRP B 281 -9.59 -27.31 17.16
CA TRP B 281 -10.05 -26.28 18.08
C TRP B 281 -9.32 -24.95 17.92
N GLN B 282 -8.33 -24.87 17.03
CA GLN B 282 -7.63 -23.62 16.77
C GLN B 282 -8.16 -22.88 15.56
N LEU B 283 -9.07 -23.49 14.80
CA LEU B 283 -9.56 -22.89 13.56
C LEU B 283 -10.32 -21.58 13.84
N GLY B 284 -11.21 -21.60 14.83
CA GLY B 284 -11.85 -20.36 15.24
C GLY B 284 -10.99 -19.47 16.10
N LEU B 285 -10.00 -20.04 16.78
CA LEU B 285 -9.06 -19.26 17.57
C LEU B 285 -8.17 -18.40 16.69
N ALA B 286 -7.96 -18.79 15.45
CA ALA B 286 -7.11 -18.03 14.53
C ALA B 286 -7.71 -16.71 14.09
N PHE B 287 -9.00 -16.46 14.39
CA PHE B 287 -9.67 -15.24 13.96
C PHE B 287 -9.77 -14.18 15.06
N LEU B 288 -9.25 -14.46 16.25
CA LEU B 288 -9.24 -13.45 17.31
C LEU B 288 -8.49 -12.17 16.97
N PRO B 289 -7.30 -12.20 16.35
CA PRO B 289 -6.66 -10.93 15.94
C PRO B 289 -7.50 -10.07 15.01
N ALA B 290 -8.28 -10.69 14.11
CA ALA B 290 -9.08 -9.94 13.16
C ALA B 290 -10.17 -9.12 13.84
N SER B 291 -10.58 -9.51 15.05
CA SER B 291 -11.55 -8.75 15.83
C SER B 291 -10.90 -7.81 16.83
N VAL B 292 -9.85 -8.28 17.52
CA VAL B 292 -9.19 -7.44 18.53
C VAL B 292 -8.53 -6.23 17.86
N SER B 293 -7.79 -6.47 16.77
CA SER B 293 -7.18 -5.36 16.06
C SER B 293 -8.22 -4.44 15.45
N TYR B 294 -9.36 -4.99 15.02
CA TYR B 294 -10.43 -4.16 14.49
C TYR B 294 -10.98 -3.21 15.55
N LEU B 295 -11.20 -3.72 16.76
CA LEU B 295 -11.71 -2.87 17.84
C LEU B 295 -10.69 -1.80 18.22
N ILE B 296 -9.42 -2.18 18.33
CA ILE B 296 -8.38 -1.21 18.67
C ILE B 296 -8.27 -0.13 17.60
N GLY B 297 -8.31 -0.55 16.33
CA GLY B 297 -8.23 0.39 15.24
C GLY B 297 -9.41 1.34 15.18
N THR B 298 -10.63 0.81 15.37
CA THR B 298 -11.81 1.68 15.28
C THR B 298 -11.82 2.70 16.42
N ASN B 299 -11.43 2.28 17.62
CA ASN B 299 -11.36 3.24 18.74
C ASN B 299 -10.31 4.32 18.48
N LEU B 300 -9.07 3.90 18.17
CA LEU B 300 -7.97 4.86 18.00
C LEU B 300 -8.22 5.78 16.81
N PHE B 301 -8.80 5.25 15.74
CA PHE B 301 -8.90 6.02 14.52
C PHE B 301 -10.17 6.87 14.49
N GLY B 302 -11.23 6.45 15.18
CA GLY B 302 -12.31 7.38 15.46
C GLY B 302 -11.86 8.54 16.31
N VAL B 303 -10.91 8.30 17.22
CA VAL B 303 -10.31 9.43 17.94
C VAL B 303 -9.42 10.29 17.05
N LEU B 304 -8.64 9.69 16.14
CA LEU B 304 -7.50 10.37 15.54
C LEU B 304 -7.67 10.81 14.09
N ALA B 305 -8.67 10.31 13.35
CA ALA B 305 -8.67 10.48 11.90
C ALA B 305 -9.01 11.90 11.48
N ASN B 306 -9.66 12.68 12.36
CA ASN B 306 -10.09 14.00 11.97
C ASN B 306 -8.91 14.96 11.79
N LYS B 307 -7.79 14.68 12.45
CA LYS B 307 -6.66 15.60 12.36
C LYS B 307 -5.94 15.51 11.02
N MET B 308 -5.74 14.31 10.49
CA MET B 308 -4.93 14.12 9.30
C MET B 308 -5.77 13.89 8.04
N GLY B 309 -7.09 13.89 8.15
CA GLY B 309 -7.93 13.75 6.98
C GLY B 309 -8.57 12.38 6.84
N ARG B 310 -9.87 12.36 6.53
CA ARG B 310 -10.59 11.10 6.45
C ARG B 310 -10.21 10.31 5.20
N TRP B 311 -10.06 10.99 4.07
CA TRP B 311 -9.77 10.29 2.82
C TRP B 311 -8.39 9.65 2.84
N LEU B 312 -7.42 10.30 3.50
CA LEU B 312 -6.10 9.69 3.66
C LEU B 312 -6.19 8.42 4.50
N CYS B 313 -7.01 8.45 5.55
CA CYS B 313 -7.23 7.27 6.38
C CYS B 313 -7.83 6.13 5.56
N SER B 314 -8.84 6.45 4.74
CA SER B 314 -9.47 5.41 3.91
C SER B 314 -8.50 4.84 2.88
N LEU B 315 -7.70 5.71 2.25
CA LEU B 315 -6.73 5.25 1.25
C LEU B 315 -5.69 4.33 1.88
N ILE B 316 -5.12 4.75 3.02
CA ILE B 316 -4.12 3.94 3.71
C ILE B 316 -4.75 2.63 4.18
N GLY B 317 -6.01 2.69 4.61
CA GLY B 317 -6.69 1.48 5.04
C GLY B 317 -6.87 0.46 3.95
N MET B 318 -7.31 0.91 2.76
CA MET B 318 -7.46 0.00 1.64
C MET B 318 -6.12 -0.59 1.22
N LEU B 319 -5.06 0.23 1.24
CA LEU B 319 -3.73 -0.25 0.91
C LEU B 319 -3.27 -1.33 1.89
N VAL B 320 -3.52 -1.14 3.18
CA VAL B 320 -3.06 -2.14 4.14
C VAL B 320 -3.94 -3.39 4.11
N VAL B 321 -5.22 -3.27 3.72
CA VAL B 321 -6.03 -4.45 3.45
C VAL B 321 -5.42 -5.27 2.32
N GLY B 322 -5.01 -4.59 1.24
CA GLY B 322 -4.40 -5.30 0.12
C GLY B 322 -3.11 -5.99 0.51
N THR B 323 -2.25 -5.29 1.24
CA THR B 323 -0.98 -5.88 1.66
C THR B 323 -1.18 -7.06 2.61
N SER B 324 -2.10 -6.92 3.56
CA SER B 324 -2.36 -8.01 4.50
C SER B 324 -2.94 -9.23 3.80
N LEU B 325 -3.86 -9.02 2.86
CA LEU B 325 -4.44 -10.15 2.14
C LEU B 325 -3.41 -10.81 1.26
N LEU B 326 -2.46 -10.04 0.71
CA LEU B 326 -1.37 -10.65 -0.04
C LEU B 326 -0.48 -11.50 0.88
N CYS B 327 -0.19 -11.01 2.08
CA CYS B 327 0.72 -11.72 2.97
C CYS B 327 0.06 -12.85 3.74
N VAL B 328 -1.28 -12.97 3.69
CA VAL B 328 -1.96 -14.05 4.41
C VAL B 328 -1.55 -15.45 3.95
N PRO B 329 -1.57 -15.79 2.64
CA PRO B 329 -1.30 -17.20 2.27
C PRO B 329 0.18 -17.60 2.29
N LEU B 330 1.05 -16.79 2.89
CA LEU B 330 2.47 -17.12 2.99
C LEU B 330 2.84 -17.85 4.28
N ALA B 331 1.92 -17.95 5.23
CA ALA B 331 2.23 -18.54 6.53
C ALA B 331 2.11 -20.05 6.48
N HIS B 332 3.11 -20.73 7.06
CA HIS B 332 3.14 -22.19 7.09
C HIS B 332 2.74 -22.75 8.46
N ASN B 333 2.23 -21.93 9.36
CA ASN B 333 1.76 -22.38 10.65
C ASN B 333 0.75 -21.38 11.20
N ILE B 334 0.12 -21.76 12.31
CA ILE B 334 -0.90 -20.90 12.91
C ILE B 334 -0.31 -19.59 13.41
N PHE B 335 0.97 -19.60 13.79
CA PHE B 335 1.63 -18.39 14.27
C PHE B 335 1.87 -17.38 13.15
N GLY B 336 1.86 -17.83 11.89
CA GLY B 336 2.02 -16.90 10.78
C GLY B 336 0.77 -16.11 10.45
N LEU B 337 -0.39 -16.55 10.90
CA LEU B 337 -1.64 -15.85 10.64
C LEU B 337 -1.91 -14.75 11.66
N ILE B 338 -1.07 -14.60 12.68
CA ILE B 338 -1.30 -13.56 13.68
C ILE B 338 -1.06 -12.18 13.10
N GLY B 339 -0.04 -12.01 12.26
CA GLY B 339 0.32 -10.72 11.74
C GLY B 339 -0.64 -10.19 10.68
N PRO B 340 -0.78 -10.93 9.57
CA PRO B 340 -1.70 -10.47 8.51
C PRO B 340 -3.14 -10.31 8.95
N ASN B 341 -3.64 -11.18 9.83
CA ASN B 341 -5.01 -11.04 10.30
C ASN B 341 -5.19 -9.78 11.14
N ALA B 342 -4.22 -9.49 12.01
CA ALA B 342 -4.30 -8.27 12.81
C ALA B 342 -4.20 -7.03 11.94
N GLY B 343 -3.33 -7.06 10.94
CA GLY B 343 -3.24 -5.95 10.01
C GLY B 343 -4.53 -5.74 9.22
N LEU B 344 -5.16 -6.83 8.79
CA LEU B 344 -6.41 -6.73 8.06
C LEU B 344 -7.53 -6.18 8.94
N GLY B 345 -7.57 -6.61 10.20
CA GLY B 345 -8.59 -6.08 11.11
C GLY B 345 -8.40 -4.61 11.41
N LEU B 346 -7.15 -4.20 11.65
CA LEU B 346 -6.84 -2.78 11.86
C LEU B 346 -7.18 -1.96 10.62
N ALA B 347 -6.92 -2.52 9.44
CA ALA B 347 -7.23 -1.84 8.19
C ALA B 347 -8.73 -1.66 8.00
N ILE B 348 -9.52 -2.70 8.29
CA ILE B 348 -10.96 -2.60 8.13
C ILE B 348 -11.53 -1.62 9.15
N GLY B 349 -10.95 -1.58 10.36
CA GLY B 349 -11.35 -0.57 11.33
C GLY B 349 -11.06 0.84 10.86
N MET B 350 -9.88 1.05 10.27
CA MET B 350 -9.54 2.33 9.67
C MET B 350 -10.54 2.73 8.59
N VAL B 351 -10.88 1.78 7.71
CA VAL B 351 -11.76 2.08 6.57
C VAL B 351 -13.15 2.44 7.07
N ASP B 352 -13.70 1.66 8.00
CA ASP B 352 -15.04 1.92 8.49
C ASP B 352 -15.10 3.24 9.27
N SER B 353 -14.15 3.44 10.20
CA SER B 353 -14.19 4.63 11.04
C SER B 353 -13.88 5.90 10.25
N SER B 354 -13.20 5.77 9.11
CA SER B 354 -12.96 6.94 8.28
C SER B 354 -14.02 7.14 7.20
N MET B 355 -14.83 6.13 6.89
CA MET B 355 -15.78 6.24 5.80
C MET B 355 -17.21 6.48 6.25
N MET B 356 -17.59 6.03 7.45
CA MET B 356 -18.94 6.31 7.93
C MET B 356 -19.23 7.80 8.11
N PRO B 357 -18.38 8.59 8.79
CA PRO B 357 -18.65 10.04 8.87
C PRO B 357 -18.65 10.74 7.52
N ILE B 358 -17.87 10.26 6.55
CA ILE B 358 -17.90 10.84 5.21
C ILE B 358 -19.27 10.62 4.57
N MET B 359 -19.82 9.41 4.73
CA MET B 359 -21.15 9.14 4.21
C MET B 359 -22.20 10.00 4.91
N GLY B 360 -22.06 10.19 6.22
CA GLY B 360 -23.00 11.04 6.93
C GLY B 360 -22.94 12.49 6.48
N HIS B 361 -21.73 13.01 6.29
CA HIS B 361 -21.57 14.39 5.85
C HIS B 361 -22.08 14.57 4.43
N LEU B 362 -21.82 13.60 3.54
CA LEU B 362 -22.32 13.71 2.18
C LEU B 362 -23.83 13.64 2.13
N VAL B 363 -24.44 12.79 2.97
CA VAL B 363 -25.90 12.70 3.00
C VAL B 363 -26.50 13.99 3.57
N ASP B 364 -25.83 14.60 4.54
CA ASP B 364 -26.36 15.80 5.15
C ASP B 364 -26.22 17.01 4.23
N LEU B 365 -25.08 17.13 3.54
CA LEU B 365 -24.78 18.34 2.80
C LEU B 365 -25.68 18.50 1.57
N ARG B 366 -25.87 17.42 0.82
CA ARG B 366 -26.60 17.50 -0.45
C ARG B 366 -28.07 17.14 -0.30
N HIS B 367 -28.38 15.98 0.27
CA HIS B 367 -29.73 15.52 0.43
C HIS B 367 -30.20 15.73 1.88
N THR B 368 -31.37 15.22 2.21
CA THR B 368 -31.91 15.26 3.56
C THR B 368 -31.65 13.92 4.23
N SER B 369 -31.35 13.95 5.53
CA SER B 369 -30.92 12.77 6.26
C SER B 369 -31.87 12.48 7.42
N VAL B 370 -31.89 11.21 7.83
CA VAL B 370 -32.68 10.74 8.97
C VAL B 370 -31.73 10.12 9.97
N TYR B 371 -32.29 9.55 11.05
CA TYR B 371 -31.46 9.01 12.12
C TYR B 371 -30.61 7.82 11.65
N GLY B 372 -31.10 7.08 10.66
CA GLY B 372 -30.41 5.88 10.24
C GLY B 372 -30.21 5.76 8.74
N SER B 373 -30.02 6.89 8.06
CA SER B 373 -29.76 6.84 6.63
C SER B 373 -28.41 6.19 6.34
N VAL B 374 -27.43 6.40 7.21
CA VAL B 374 -26.13 5.78 7.03
C VAL B 374 -26.21 4.27 7.24
N TYR B 375 -27.15 3.82 8.08
CA TYR B 375 -27.29 2.39 8.35
C TYR B 375 -27.68 1.62 7.10
N ALA B 376 -28.61 2.16 6.31
CA ALA B 376 -29.08 1.46 5.12
C ALA B 376 -28.00 1.39 4.06
N ILE B 377 -27.27 2.49 3.85
CA ILE B 377 -26.25 2.52 2.80
C ILE B 377 -25.10 1.58 3.15
N ALA B 378 -24.68 1.57 4.42
CA ALA B 378 -23.60 0.69 4.81
C ALA B 378 -24.05 -0.76 4.86
N ASP B 379 -25.32 -1.00 5.19
CA ASP B 379 -25.83 -2.37 5.25
C ASP B 379 -25.88 -3.00 3.87
N VAL B 380 -26.16 -2.19 2.84
CA VAL B 380 -26.14 -2.69 1.47
C VAL B 380 -24.73 -3.09 1.07
N ALA B 381 -23.73 -2.37 1.57
CA ALA B 381 -22.34 -2.69 1.25
C ALA B 381 -21.93 -4.02 1.85
N PHE B 382 -22.20 -4.22 3.15
CA PHE B 382 -21.84 -5.47 3.82
C PHE B 382 -22.60 -6.66 3.22
N CYS B 383 -23.90 -6.48 2.97
CA CYS B 383 -24.69 -7.56 2.39
C CYS B 383 -24.22 -7.89 0.98
N MET B 384 -23.91 -6.85 0.19
CA MET B 384 -23.42 -7.08 -1.17
C MET B 384 -22.10 -7.82 -1.16
N GLY B 385 -21.19 -7.44 -0.25
CA GLY B 385 -19.92 -8.15 -0.15
C GLY B 385 -20.09 -9.60 0.28
N PHE B 386 -20.89 -9.83 1.31
CA PHE B 386 -21.10 -11.19 1.81
C PHE B 386 -21.90 -12.04 0.83
N ALA B 387 -22.65 -11.44 -0.09
CA ALA B 387 -23.34 -12.18 -1.12
C ALA B 387 -22.47 -12.49 -2.33
N ILE B 388 -21.60 -11.57 -2.74
CA ILE B 388 -20.80 -11.78 -3.94
C ILE B 388 -19.48 -12.49 -3.66
N GLY B 389 -18.76 -12.14 -2.60
CA GLY B 389 -17.45 -12.69 -2.34
C GLY B 389 -17.44 -14.18 -2.08
N PRO B 390 -18.12 -14.63 -1.03
CA PRO B 390 -18.16 -16.08 -0.76
C PRO B 390 -18.79 -16.90 -1.87
N SER B 391 -19.80 -16.35 -2.55
CA SER B 391 -20.45 -17.08 -3.63
C SER B 391 -19.53 -17.28 -4.82
N THR B 392 -18.81 -16.23 -5.24
CA THR B 392 -17.92 -16.34 -6.38
C THR B 392 -16.57 -16.94 -6.02
N GLY B 393 -16.24 -17.00 -4.73
CA GLY B 393 -14.94 -17.52 -4.33
C GLY B 393 -14.78 -19.01 -4.51
N GLY B 394 -15.90 -19.76 -4.46
CA GLY B 394 -15.81 -21.19 -4.65
C GLY B 394 -15.33 -21.57 -6.04
N ALA B 395 -15.82 -20.86 -7.06
CA ALA B 395 -15.39 -21.12 -8.42
C ALA B 395 -13.91 -20.81 -8.61
N ILE B 396 -13.44 -19.71 -8.00
CA ILE B 396 -12.03 -19.35 -8.12
C ILE B 396 -11.15 -20.37 -7.41
N VAL B 397 -11.58 -20.82 -6.23
CA VAL B 397 -10.78 -21.80 -5.50
C VAL B 397 -10.77 -23.15 -6.20
N LYS B 398 -11.87 -23.50 -6.87
CA LYS B 398 -11.90 -24.76 -7.60
C LYS B 398 -11.06 -24.69 -8.87
N ALA B 399 -11.17 -23.59 -9.62
CA ALA B 399 -10.45 -23.49 -10.88
C ALA B 399 -8.95 -23.30 -10.65
N ILE B 400 -8.57 -22.39 -9.75
CA ILE B 400 -7.17 -22.10 -9.47
C ILE B 400 -6.97 -22.15 -7.96
N GLY B 401 -5.70 -22.06 -7.56
CA GLY B 401 -5.35 -22.27 -6.18
C GLY B 401 -5.83 -21.17 -5.24
N PHE B 402 -5.71 -21.46 -3.96
CA PHE B 402 -6.09 -20.49 -2.92
C PHE B 402 -5.32 -19.18 -2.96
N PRO B 403 -3.99 -19.14 -3.10
CA PRO B 403 -3.29 -17.83 -3.07
C PRO B 403 -3.69 -16.87 -4.19
N TRP B 404 -4.18 -17.39 -5.31
CA TRP B 404 -4.57 -16.50 -6.40
C TRP B 404 -5.81 -15.69 -6.05
N LEU B 405 -6.71 -16.25 -5.24
CA LEU B 405 -7.85 -15.48 -4.76
C LEU B 405 -7.40 -14.32 -3.89
N MET B 406 -6.43 -14.56 -3.00
CA MET B 406 -5.91 -13.50 -2.14
C MET B 406 -5.19 -12.44 -2.96
N VAL B 407 -4.44 -12.87 -3.98
CA VAL B 407 -3.76 -11.92 -4.86
C VAL B 407 -4.77 -11.06 -5.61
N ILE B 408 -5.87 -11.67 -6.07
CA ILE B 408 -6.90 -10.94 -6.80
C ILE B 408 -7.56 -9.91 -5.89
N THR B 409 -7.90 -10.32 -4.66
CA THR B 409 -8.54 -9.40 -3.71
C THR B 409 -7.60 -8.25 -3.34
N GLY B 410 -6.32 -8.55 -3.12
CA GLY B 410 -5.37 -7.50 -2.80
C GLY B 410 -5.18 -6.52 -3.94
N VAL B 411 -5.10 -7.02 -5.18
CA VAL B 411 -4.94 -6.14 -6.33
C VAL B 411 -6.16 -5.27 -6.52
N ILE B 412 -7.36 -5.85 -6.30
CA ILE B 412 -8.59 -5.07 -6.44
C ILE B 412 -8.65 -3.97 -5.40
N ASN B 413 -8.27 -4.29 -4.16
CA ASN B 413 -8.28 -3.28 -3.09
C ASN B 413 -7.28 -2.17 -3.38
N ILE B 414 -6.07 -2.53 -3.81
CA ILE B 414 -5.03 -1.54 -4.07
C ILE B 414 -5.41 -0.65 -5.25
N VAL B 415 -6.07 -1.23 -6.26
CA VAL B 415 -6.49 -0.44 -7.41
C VAL B 415 -7.61 0.52 -7.03
N TYR B 416 -8.57 0.05 -6.23
CA TYR B 416 -9.69 0.91 -5.86
C TYR B 416 -9.27 1.97 -4.85
N ALA B 417 -8.16 1.76 -4.14
CA ALA B 417 -7.67 2.71 -3.15
C ALA B 417 -7.45 4.13 -3.65
N PRO B 418 -6.84 4.37 -4.81
CA PRO B 418 -6.66 5.76 -5.27
C PRO B 418 -7.96 6.50 -5.57
N LEU B 419 -9.08 5.82 -5.72
CA LEU B 419 -10.34 6.48 -6.07
C LEU B 419 -10.95 7.26 -4.91
N CYS B 420 -10.39 7.17 -3.71
CA CYS B 420 -10.90 7.93 -2.57
C CYS B 420 -10.49 9.40 -2.60
N TYR B 421 -9.68 9.80 -3.59
CA TYR B 421 -9.35 11.22 -3.76
C TYR B 421 -10.58 12.03 -4.15
N TYR B 422 -11.59 11.39 -4.73
CA TYR B 422 -12.81 12.06 -5.16
C TYR B 422 -13.55 12.69 -3.99
N LEU B 423 -13.40 12.14 -2.79
CA LEU B 423 -14.23 12.51 -1.65
C LEU B 423 -13.72 13.73 -0.89
N ARG B 424 -12.52 14.21 -1.19
CA ARG B 424 -11.97 15.34 -0.45
C ARG B 424 -12.64 16.63 -0.91
N SER B 425 -13.21 17.36 0.05
CA SER B 425 -14.00 18.57 -0.18
C SER B 425 -15.06 18.40 -1.29
N PRO B 426 -16.10 17.62 -1.05
CA PRO B 426 -17.17 17.50 -2.04
C PRO B 426 -18.08 18.73 -2.01
N PRO B 427 -18.65 19.18 -3.15
CA PRO B 427 -19.42 20.38 -3.15
C PRO B 427 -20.92 20.18 -3.33
N ALA B 428 -21.57 21.12 -4.00
CA ALA B 428 -23.02 21.02 -4.30
C ALA B 428 -23.84 21.34 -3.07
N HSM C . 17.94 7.92 -6.54
CA HSM C . 17.93 9.28 -6.02
CB HSM C . 16.72 10.02 -6.59
CG HSM C . 16.56 11.34 -5.84
ND1 HSM C . 16.90 12.53 -6.29
CD2 HSM C . 16.01 11.51 -4.60
CE1 HSM C . 16.59 13.43 -5.34
NE2 HSM C . 16.05 12.79 -4.31
C4 YHR D . -20.11 -4.84 11.74
C3 YHR D . -20.54 -5.86 10.71
O2 YHR D . -21.95 -5.87 10.50
C1 YHR D . -22.86 -6.02 11.56
C10 YHR D . -13.83 -8.20 10.98
C11 YHR D . -14.84 -9.20 10.75
C12 YHR D . -15.98 -9.08 10.07
C13 YHR D . -16.48 -7.80 9.43
C14 YHR D . -17.97 -7.63 9.52
C15 YHR D . -18.46 -7.28 10.95
C16 YHR D . -20.01 -7.22 11.15
C17 YHR D . -20.79 -8.33 10.47
C20 YHR D . -20.03 -10.50 10.95
C22 YHR D . -15.86 -11.20 10.84
C23 YHR D . -14.70 -10.54 11.26
C24 YHR D . -13.76 -11.26 12.00
C25 YHR D . -14.01 -12.59 12.29
C26 YHR D . -15.16 -13.21 11.86
C27 YHR D . -16.10 -12.53 11.13
C29 YHR D . -14.44 -15.48 11.91
C31 YHR D . -20.65 -2.58 12.35
C33 YHR D . -21.37 -1.26 12.08
C34 YHR D . -20.80 -0.09 12.50
C35 YHR D . -21.43 1.12 12.27
C36 YHR D . -22.63 1.14 11.60
C37 YHR D . -23.21 -0.05 11.16
C38 YHR D . -22.58 -1.27 11.39
C40 YHR D . -24.30 0.20 9.10
C42 YHR D . -23.94 2.88 12.47
C44 YHR D . -20.26 2.37 13.95
C5 YHR D . -18.59 -4.73 11.75
C6 YHR D . -17.74 -6.00 11.47
C7 YHR D . -16.55 -5.57 10.58
C9 YHR D . -14.26 -6.97 10.23
N21 YHR D . -16.66 -10.30 10.11
N8 YHR D . -15.72 -6.73 10.18
O18 YHR D . -21.18 -8.20 9.36
O19 YHR D . -21.01 -9.54 11.14
O28 YHR D . -15.44 -14.54 12.14
O30 YHR D . -20.67 -3.60 11.39
O32 YHR D . -20.09 -2.70 13.39
O39 YHR D . -24.42 -0.01 10.48
O41 YHR D . -23.27 2.36 11.36
O43 YHR D . -20.87 2.33 12.69
H1 YHR D . -20.46 -5.11 12.73
H2 YHR D . -20.07 -5.60 9.78
H3 YHR D . -22.86 -5.14 12.20
H4 YHR D . -22.63 -6.90 12.15
H5 YHR D . -23.86 -6.14 11.14
H6 YHR D . -12.88 -8.54 10.61
H7 YHR D . -13.76 -7.97 12.04
H8 YHR D . -16.18 -7.77 8.37
H9 YHR D . -18.38 -8.56 9.16
H10 YHR D . -18.30 -6.86 8.83
H11 YHR D . -18.15 -8.08 11.60
H12 YHR D . -20.18 -7.34 12.21
H13 YHR D . -19.77 -10.54 9.89
H14 YHR D . -19.14 -10.24 11.52
H15 YHR D . -20.40 -11.46 11.27
H16 YHR D . -12.86 -10.78 12.35
H17 YHR D . -13.29 -13.16 12.86
H18 YHR D . -17.00 -13.01 10.79
H19 YHR D . -14.90 -16.45 11.71
H20 YHR D . -13.82 -15.19 11.07
H21 YHR D . -13.84 -15.56 12.82
H22 YHR D . -19.85 -0.11 13.02
H23 YHR D . -23.03 -2.19 11.05
H24 YHR D . -24.67 1.18 8.85
H25 YHR D . -23.25 0.12 8.83
H26 YHR D . -24.88 -0.56 8.57
H27 YHR D . -24.78 3.48 12.13
H28 YHR D . -24.31 2.06 13.08
H29 YHR D . -23.26 3.48 13.06
H30 YHR D . -20.22 3.40 14.29
H31 YHR D . -19.26 1.97 13.89
H32 YHR D . -20.83 1.79 14.67
H33 YHR D . -18.33 -3.94 11.07
H34 YHR D . -18.31 -4.40 12.75
H35 YHR D . -17.31 -6.29 12.42
H36 YHR D . -15.94 -4.90 11.15
H37 YHR D . -16.88 -5.06 9.67
H38 YHR D . -13.90 -7.06 9.21
H39 YHR D . -13.79 -6.12 10.69
H40 YHR D . -17.55 -10.52 9.70
#